data_7WMI
#
_entry.id   7WMI
#
_cell.length_a   85.394
_cell.length_b   102.618
_cell.length_c   102.851
_cell.angle_alpha   90.000
_cell.angle_beta   90.000
_cell.angle_gamma   90.000
#
_symmetry.space_group_name_H-M   'P 21 21 21'
#
loop_
_entity.id
_entity.type
_entity.pdbx_description
1 polymer 'Threonine--tRNA ligase'
2 non-polymer 1,2-ETHANEDIOL
3 non-polymer 'ZINC ION'
4 non-polymer (2S,3R)-2-azanyl-N-[(1R)-2-[3-(7-bromanyl-6-chloranyl-4-oxidanylidene-quinazolin-3-yl)propanoylamino]-1-(3-phenylphenyl)ethyl]-3-oxidanyl-butanamide
5 water water
#
_entity_poly.entity_id   1
_entity_poly.type   'polypeptide(L)'
_entity_poly.pdbx_seq_one_letter_code
;MGRDHRKIGKQLDLYHMQEEAPGMVFWHNDGWTIFRELEVFVRSKLKEYQYQEVKGPFMMDRVLWEKTGHWDNYKDAMFT
TSSENREYCIKPMNCPGHVQIFNQGLKSYRDLPLRMAEFGSCHRNEPSGALHGLMRVRGFTQDDAHIFCTEEQIRDEVNA
CIRMVYDMYSTFGFEKIVVKLSTRPDKRIGSDEMWDRAEADLAVALEENNIPFEYQLGEGAFYGPKIEFTLYDCLDRAWQ
CGTVQLDFSLPSRLSASYVGEDNERKVPVMIHRAILGSMERFIGILTEEFAGFFPTWLAPVQVVVMNITDSQSEYVNELT
QKLQNAGIRVKADLRNEKIGFKIREHTLRRVPYMLVCGDKEVEAGKVAVRTRRGKDLGSLDVNDVIEKLQQEIRSRSLQQ
LEELEHHHHHH
;
_entity_poly.pdbx_strand_id   A,B
#
loop_
_chem_comp.id
_chem_comp.type
_chem_comp.name
_chem_comp.formula
9IC non-polymer (2S,3R)-2-azanyl-N-[(1R)-2-[3-(7-bromanyl-6-chloranyl-4-oxidanylidene-quinazolin-3-yl)propanoylamino]-1-(3-phenylphenyl)ethyl]-3-oxidanyl-butanamide 'C29 H29 Br Cl N5 O4'
EDO non-polymer 1,2-ETHANEDIOL 'C2 H6 O2'
ZN non-polymer 'ZINC ION' 'Zn 2'
#
# COMPACT_ATOMS: atom_id res chain seq x y z
N ARG A 3 9.84 -27.35 -3.78
CA ARG A 3 8.58 -26.59 -3.47
C ARG A 3 8.54 -26.22 -1.99
N ASP A 4 9.66 -25.73 -1.44
CA ASP A 4 9.78 -25.20 -0.06
C ASP A 4 9.90 -23.67 -0.15
N HIS A 5 8.86 -22.94 0.25
CA HIS A 5 8.77 -21.46 0.12
C HIS A 5 9.89 -20.79 0.89
N ARG A 6 10.37 -21.40 1.97
CA ARG A 6 11.47 -20.88 2.83
C ARG A 6 12.79 -20.94 2.07
N LYS A 7 13.06 -22.07 1.39
CA LYS A 7 14.25 -22.26 0.51
C LYS A 7 14.18 -21.27 -0.67
N ILE A 8 13.06 -21.29 -1.40
CA ILE A 8 12.84 -20.45 -2.61
C ILE A 8 12.90 -18.96 -2.22
N GLY A 9 12.34 -18.60 -1.06
CA GLY A 9 12.35 -17.24 -0.51
C GLY A 9 13.77 -16.70 -0.36
N LYS A 10 14.69 -17.52 0.16
CA LYS A 10 16.12 -17.18 0.34
C LYS A 10 16.80 -17.09 -1.03
N GLN A 11 16.51 -18.05 -1.92
CA GLN A 11 17.14 -18.20 -3.26
C GLN A 11 16.83 -16.96 -4.13
N LEU A 12 15.58 -16.49 -4.11
CA LEU A 12 15.10 -15.36 -4.96
C LEU A 12 15.06 -14.05 -4.17
N ASP A 13 15.65 -14.03 -2.97
CA ASP A 13 15.84 -12.81 -2.14
C ASP A 13 14.48 -12.12 -1.93
N LEU A 14 13.44 -12.88 -1.60
CA LEU A 14 12.06 -12.35 -1.45
C LEU A 14 11.89 -11.76 -0.04
N TYR A 15 12.32 -12.49 0.99
CA TYR A 15 12.13 -12.11 2.40
C TYR A 15 13.16 -12.84 3.28
N HIS A 16 13.19 -12.50 4.57
CA HIS A 16 13.92 -13.25 5.62
C HIS A 16 13.22 -13.06 6.97
N MET A 17 13.55 -13.92 7.93
CA MET A 17 13.06 -13.84 9.34
C MET A 17 14.28 -13.81 10.28
N GLN A 18 14.13 -13.18 11.44
CA GLN A 18 15.15 -13.14 12.52
C GLN A 18 14.48 -13.40 13.86
N GLU A 19 15.26 -13.88 14.84
CA GLU A 19 14.79 -14.19 16.22
C GLU A 19 14.49 -12.88 16.97
N GLU A 20 15.04 -11.74 16.52
CA GLU A 20 14.77 -10.40 17.09
C GLU A 20 13.30 -10.00 16.83
N ALA A 21 12.64 -10.64 15.87
CA ALA A 21 11.22 -10.38 15.50
C ALA A 21 10.55 -11.68 15.06
N PRO A 22 10.20 -12.61 15.99
CA PRO A 22 9.66 -13.91 15.59
C PRO A 22 8.32 -13.78 14.85
N GLY A 23 8.18 -14.49 13.73
CA GLY A 23 6.94 -14.55 12.94
C GLY A 23 6.56 -13.20 12.34
N MET A 24 7.53 -12.31 12.15
CA MET A 24 7.30 -11.00 11.50
C MET A 24 8.30 -10.81 10.36
N VAL A 25 7.75 -10.65 9.15
CA VAL A 25 8.51 -10.81 7.88
C VAL A 25 9.25 -9.50 7.55
N PHE A 26 10.55 -9.61 7.28
CA PHE A 26 11.35 -8.59 6.56
C PHE A 26 11.18 -8.82 5.07
N TRP A 27 10.35 -8.01 4.41
CA TRP A 27 10.11 -8.10 2.94
C TRP A 27 11.22 -7.35 2.21
N HIS A 28 11.98 -8.08 1.40
CA HIS A 28 13.04 -7.52 0.52
C HIS A 28 12.38 -6.98 -0.75
N ASN A 29 13.15 -6.29 -1.59
CA ASN A 29 12.66 -5.58 -2.80
C ASN A 29 11.76 -6.50 -3.65
N ASP A 30 12.26 -7.69 -4.02
CA ASP A 30 11.58 -8.60 -4.96
C ASP A 30 10.35 -9.23 -4.29
N GLY A 31 10.46 -9.58 -3.01
CA GLY A 31 9.33 -10.09 -2.22
C GLY A 31 8.22 -9.05 -2.11
N TRP A 32 8.60 -7.80 -1.82
CA TRP A 32 7.65 -6.68 -1.63
C TRP A 32 6.97 -6.34 -2.97
N THR A 33 7.66 -6.58 -4.09
CA THR A 33 7.11 -6.40 -5.47
C THR A 33 5.94 -7.38 -5.66
N ILE A 34 6.11 -8.65 -5.26
CA ILE A 34 5.07 -9.71 -5.37
C ILE A 34 3.88 -9.31 -4.50
N PHE A 35 4.13 -8.99 -3.22
CA PHE A 35 3.12 -8.57 -2.23
C PHE A 35 2.27 -7.43 -2.80
N ARG A 36 2.92 -6.40 -3.33
CA ARG A 36 2.25 -5.17 -3.84
C ARG A 36 1.40 -5.51 -5.06
N GLU A 37 1.88 -6.36 -5.97
CA GLU A 37 1.11 -6.78 -7.18
C GLU A 37 -0.13 -7.58 -6.74
N LEU A 38 0.00 -8.41 -5.70
CA LEU A 38 -1.14 -9.15 -5.10
C LEU A 38 -2.16 -8.13 -4.56
N GLU A 39 -1.70 -7.08 -3.88
CA GLU A 39 -2.56 -5.99 -3.33
C GLU A 39 -3.29 -5.29 -4.48
N VAL A 40 -2.58 -4.95 -5.56
CA VAL A 40 -3.15 -4.31 -6.78
C VAL A 40 -4.26 -5.21 -7.33
N PHE A 41 -4.02 -6.52 -7.41
CA PHE A 41 -5.00 -7.52 -7.91
C PHE A 41 -6.27 -7.50 -7.04
N VAL A 42 -6.11 -7.62 -5.72
CA VAL A 42 -7.26 -7.66 -4.76
C VAL A 42 -8.04 -6.33 -4.87
N ARG A 43 -7.32 -5.20 -5.00
CA ARG A 43 -7.93 -3.85 -5.17
C ARG A 43 -8.83 -3.81 -6.41
N SER A 44 -8.41 -4.41 -7.52
CA SER A 44 -9.18 -4.47 -8.78
C SER A 44 -10.51 -5.20 -8.53
N LYS A 45 -10.49 -6.26 -7.72
CA LYS A 45 -11.70 -7.05 -7.33
C LYS A 45 -12.55 -6.21 -6.38
N LEU A 46 -11.94 -5.48 -5.44
CA LEU A 46 -12.68 -4.58 -4.50
C LEU A 46 -13.50 -3.59 -5.32
N LYS A 47 -12.89 -2.99 -6.35
CA LYS A 47 -13.58 -2.03 -7.26
C LYS A 47 -14.70 -2.76 -8.01
N GLU A 48 -14.40 -3.95 -8.55
N GLU A 48 -14.40 -3.93 -8.59
CA GLU A 48 -15.31 -4.76 -9.40
CA GLU A 48 -15.34 -4.74 -9.40
C GLU A 48 -16.53 -5.24 -8.60
C GLU A 48 -16.56 -5.15 -8.57
N TYR A 49 -16.40 -5.40 -7.28
CA TYR A 49 -17.46 -5.90 -6.37
C TYR A 49 -18.00 -4.78 -5.45
N GLN A 50 -17.68 -3.52 -5.76
CA GLN A 50 -18.28 -2.31 -5.11
C GLN A 50 -17.92 -2.24 -3.62
N TYR A 51 -16.64 -2.43 -3.28
CA TYR A 51 -16.12 -2.29 -1.89
C TYR A 51 -15.46 -0.92 -1.72
N GLN A 52 -15.68 -0.29 -0.57
CA GLN A 52 -14.82 0.82 -0.07
C GLN A 52 -13.50 0.20 0.39
N GLU A 53 -12.43 1.01 0.46
CA GLU A 53 -11.15 0.58 1.08
C GLU A 53 -10.73 1.64 2.10
N VAL A 54 -10.50 1.20 3.33
CA VAL A 54 -10.17 2.06 4.50
C VAL A 54 -8.83 1.62 5.08
N LYS A 55 -8.32 2.37 6.05
CA LYS A 55 -7.13 2.00 6.84
C LYS A 55 -7.36 2.42 8.30
N GLY A 56 -7.29 1.46 9.21
CA GLY A 56 -7.49 1.69 10.66
C GLY A 56 -6.15 1.80 11.40
N PRO A 57 -6.16 2.34 12.63
CA PRO A 57 -4.94 2.41 13.45
C PRO A 57 -4.47 1.03 13.90
N PHE A 58 -3.19 0.94 14.30
CA PHE A 58 -2.57 -0.32 14.78
C PHE A 58 -3.03 -0.65 16.19
N MET A 59 -3.41 0.34 16.99
CA MET A 59 -3.78 0.08 18.41
C MET A 59 -4.99 0.92 18.82
N MET A 60 -5.78 0.35 19.73
CA MET A 60 -7.01 0.96 20.29
C MET A 60 -7.11 0.54 21.76
N ASP A 61 -7.80 1.36 22.56
CA ASP A 61 -8.02 1.16 24.01
C ASP A 61 -8.52 -0.27 24.27
N ARG A 62 -7.92 -0.97 25.22
CA ARG A 62 -8.37 -2.29 25.73
C ARG A 62 -9.86 -2.25 26.08
N VAL A 63 -10.33 -1.12 26.64
CA VAL A 63 -11.75 -0.91 27.04
C VAL A 63 -12.66 -1.23 25.84
N LEU A 64 -12.30 -0.75 24.64
CA LEU A 64 -13.06 -1.00 23.39
C LEU A 64 -13.05 -2.50 23.09
N TRP A 65 -11.87 -3.13 23.18
CA TRP A 65 -11.67 -4.58 22.91
C TRP A 65 -12.42 -5.43 23.94
N GLU A 66 -12.62 -4.93 25.15
CA GLU A 66 -13.40 -5.63 26.21
C GLU A 66 -14.87 -5.72 25.78
N LYS A 67 -15.41 -4.67 25.13
CA LYS A 67 -16.82 -4.62 24.68
C LYS A 67 -17.06 -5.66 23.57
N THR A 68 -16.01 -6.07 22.83
CA THR A 68 -16.10 -7.01 21.68
C THR A 68 -16.31 -8.44 22.20
N GLY A 69 -15.88 -8.72 23.44
CA GLY A 69 -15.93 -10.06 24.06
C GLY A 69 -14.64 -10.83 23.81
N HIS A 70 -13.78 -10.35 22.91
CA HIS A 70 -12.52 -11.03 22.48
C HIS A 70 -11.50 -11.02 23.62
N TRP A 71 -11.46 -9.96 24.43
CA TRP A 71 -10.50 -9.81 25.56
C TRP A 71 -10.59 -11.03 26.47
N ASP A 72 -11.80 -11.37 26.95
CA ASP A 72 -12.06 -12.46 27.93
C ASP A 72 -11.58 -13.80 27.35
N ASN A 73 -11.68 -13.99 26.03
CA ASN A 73 -11.47 -15.29 25.35
C ASN A 73 -10.07 -15.39 24.70
N TYR A 74 -9.45 -14.26 24.32
CA TYR A 74 -8.23 -14.24 23.47
C TYR A 74 -7.18 -13.21 23.94
N LYS A 75 -7.24 -12.73 25.20
CA LYS A 75 -6.28 -11.73 25.72
C LYS A 75 -4.85 -12.29 25.68
N ASP A 76 -4.67 -13.60 25.89
CA ASP A 76 -3.36 -14.29 25.90
C ASP A 76 -2.73 -14.30 24.51
N ALA A 77 -3.55 -14.19 23.45
CA ALA A 77 -3.10 -14.17 22.03
C ALA A 77 -2.93 -12.71 21.55
N MET A 78 -3.17 -11.72 22.40
CA MET A 78 -3.12 -10.27 22.05
C MET A 78 -1.85 -9.63 22.62
N PHE A 79 -1.14 -8.86 21.79
CA PHE A 79 -0.06 -7.92 22.23
C PHE A 79 -0.72 -6.69 22.85
N THR A 80 -0.26 -6.27 24.03
CA THR A 80 -0.75 -5.07 24.74
C THR A 80 0.43 -4.11 25.01
N THR A 81 0.13 -2.82 25.07
CA THR A 81 1.09 -1.72 25.38
C THR A 81 0.32 -0.64 26.13
N SER A 82 0.96 0.01 27.10
CA SER A 82 0.33 1.05 27.96
C SER A 82 0.96 2.42 27.70
N SER A 83 0.17 3.48 27.85
CA SER A 83 0.61 4.89 27.85
C SER A 83 -0.31 5.71 28.76
N GLU A 84 0.28 6.47 29.69
CA GLU A 84 -0.43 7.41 30.59
C GLU A 84 -1.59 6.68 31.29
N ASN A 85 -1.32 5.48 31.83
CA ASN A 85 -2.24 4.67 32.67
C ASN A 85 -3.41 4.13 31.85
N ARG A 86 -3.28 4.09 30.52
CA ARG A 86 -4.28 3.47 29.61
C ARG A 86 -3.60 2.29 28.89
N GLU A 87 -4.30 1.17 28.76
CA GLU A 87 -3.81 -0.06 28.09
C GLU A 87 -4.42 -0.13 26.69
N TYR A 88 -3.59 -0.39 25.68
CA TYR A 88 -3.97 -0.50 24.25
C TYR A 88 -3.62 -1.89 23.74
N CYS A 89 -4.50 -2.50 22.95
CA CYS A 89 -4.24 -3.77 22.23
C CYS A 89 -3.74 -3.45 20.83
N ILE A 90 -2.64 -4.08 20.39
CA ILE A 90 -2.22 -4.07 18.96
C ILE A 90 -3.25 -4.92 18.22
N LYS A 91 -3.86 -4.39 17.14
CA LYS A 91 -5.08 -4.99 16.55
C LYS A 91 -4.77 -6.41 16.07
N PRO A 92 -5.49 -7.44 16.61
CA PRO A 92 -5.46 -8.81 16.07
C PRO A 92 -6.48 -9.02 14.94
N MET A 93 -7.46 -8.12 14.83
CA MET A 93 -8.55 -8.16 13.84
C MET A 93 -8.95 -6.72 13.48
N ASN A 94 -9.59 -6.53 12.33
CA ASN A 94 -9.92 -5.19 11.77
C ASN A 94 -11.37 -4.82 12.03
N CYS A 95 -12.21 -5.77 12.48
CA CYS A 95 -13.69 -5.61 12.61
C CYS A 95 -14.02 -4.42 13.50
N PRO A 96 -13.51 -4.36 14.75
CA PRO A 96 -13.84 -3.24 15.65
C PRO A 96 -13.49 -1.87 15.05
N GLY A 97 -12.34 -1.78 14.38
CA GLY A 97 -11.89 -0.57 13.66
C GLY A 97 -12.88 -0.16 12.58
N HIS A 98 -13.38 -1.13 11.81
CA HIS A 98 -14.37 -0.91 10.72
C HIS A 98 -15.69 -0.39 11.30
N VAL A 99 -16.11 -0.92 12.45
CA VAL A 99 -17.35 -0.43 13.15
C VAL A 99 -17.13 1.03 13.57
N GLN A 100 -15.93 1.38 14.06
CA GLN A 100 -15.60 2.77 14.49
C GLN A 100 -15.83 3.72 13.30
N ILE A 101 -15.42 3.34 12.09
CA ILE A 101 -15.59 4.17 10.86
C ILE A 101 -17.08 4.24 10.50
N PHE A 102 -17.79 3.11 10.56
CA PHE A 102 -19.26 3.02 10.33
C PHE A 102 -20.00 4.00 11.26
N ASN A 103 -19.57 4.09 12.52
CA ASN A 103 -20.24 4.89 13.59
C ASN A 103 -20.00 6.40 13.39
N GLN A 104 -19.14 6.81 12.46
CA GLN A 104 -18.90 8.24 12.15
C GLN A 104 -19.90 8.69 11.08
N GLY A 105 -20.85 9.56 11.46
CA GLY A 105 -21.91 10.06 10.58
C GLY A 105 -23.16 9.20 10.72
N LEU A 106 -24.34 9.83 10.70
CA LEU A 106 -25.65 9.13 10.78
C LEU A 106 -25.81 8.25 9.54
N LYS A 107 -26.11 6.97 9.73
CA LYS A 107 -26.27 5.97 8.64
C LYS A 107 -27.76 5.73 8.39
N SER A 108 -28.12 5.57 7.11
CA SER A 108 -29.49 5.26 6.62
C SER A 108 -29.50 3.88 6.00
N TYR A 109 -30.68 3.25 5.89
CA TYR A 109 -30.92 2.01 5.11
C TYR A 109 -30.37 2.20 3.68
N ARG A 110 -30.39 3.44 3.19
CA ARG A 110 -29.90 3.87 1.84
C ARG A 110 -28.39 3.65 1.71
N ASP A 111 -27.65 3.62 2.82
CA ASP A 111 -26.18 3.41 2.84
C ASP A 111 -25.85 1.92 2.81
N LEU A 112 -26.85 1.05 2.97
CA LEU A 112 -26.67 -0.43 3.06
C LEU A 112 -27.07 -1.06 1.73
N PRO A 113 -26.37 -2.12 1.26
CA PRO A 113 -25.21 -2.68 1.97
C PRO A 113 -23.97 -1.77 1.88
N LEU A 114 -23.27 -1.59 3.01
CA LEU A 114 -21.99 -0.85 3.09
C LEU A 114 -20.84 -1.87 3.16
N ARG A 115 -20.00 -1.91 2.13
CA ARG A 115 -18.89 -2.89 1.98
C ARG A 115 -17.57 -2.18 2.25
N MET A 116 -16.91 -2.52 3.36
CA MET A 116 -15.70 -1.83 3.87
C MET A 116 -14.54 -2.84 3.92
N ALA A 117 -13.58 -2.72 2.98
CA ALA A 117 -12.39 -3.59 2.86
C ALA A 117 -11.16 -2.89 3.44
N GLU A 118 -10.16 -3.67 3.81
CA GLU A 118 -8.85 -3.20 4.31
C GLU A 118 -7.82 -4.31 4.10
N PHE A 119 -6.61 -3.93 3.69
CA PHE A 119 -5.39 -4.76 3.84
C PHE A 119 -4.95 -4.55 5.29
N GLY A 120 -5.57 -5.31 6.20
CA GLY A 120 -5.51 -5.11 7.65
C GLY A 120 -4.30 -5.79 8.25
N SER A 121 -3.34 -4.99 8.75
CA SER A 121 -2.12 -5.47 9.46
C SER A 121 -2.54 -5.97 10.85
N CYS A 122 -2.50 -7.28 11.05
CA CYS A 122 -2.94 -7.97 12.29
C CYS A 122 -1.72 -8.59 12.99
N HIS A 123 -1.71 -8.55 14.32
CA HIS A 123 -0.66 -9.15 15.18
C HIS A 123 -1.30 -10.11 16.19
N ARG A 124 -0.82 -11.34 16.22
CA ARG A 124 -1.25 -12.41 17.18
C ARG A 124 -0.02 -12.89 17.94
N ASN A 125 -0.10 -12.95 19.27
CA ASN A 125 0.99 -13.46 20.14
C ASN A 125 0.97 -15.00 20.07
N GLU A 126 1.37 -15.55 18.92
CA GLU A 126 1.39 -17.01 18.66
C GLU A 126 2.63 -17.62 19.32
N PRO A 127 2.57 -18.89 19.79
CA PRO A 127 3.76 -19.57 20.32
C PRO A 127 4.93 -19.56 19.32
N SER A 128 6.10 -19.08 19.76
CA SER A 128 7.34 -18.95 18.94
C SER A 128 7.74 -20.29 18.34
N GLY A 129 7.64 -21.37 19.14
CA GLY A 129 8.05 -22.74 18.75
C GLY A 129 7.25 -23.30 17.60
N ALA A 130 6.01 -22.82 17.39
CA ALA A 130 5.06 -23.31 16.36
C ALA A 130 5.10 -22.44 15.10
N LEU A 131 5.92 -21.39 15.07
CA LEU A 131 6.05 -20.48 13.89
C LEU A 131 6.76 -21.22 12.76
N HIS A 132 6.32 -21.00 11.52
CA HIS A 132 6.87 -21.67 10.30
C HIS A 132 6.76 -20.74 9.10
N GLY A 133 7.88 -20.13 8.70
CA GLY A 133 8.03 -19.32 7.47
C GLY A 133 6.93 -18.28 7.34
N LEU A 134 6.26 -18.25 6.18
CA LEU A 134 5.14 -17.32 5.86
C LEU A 134 3.79 -17.94 6.27
N MET A 135 3.78 -19.22 6.65
CA MET A 135 2.53 -20.03 6.86
C MET A 135 1.98 -19.80 8.26
N ARG A 136 2.86 -19.81 9.28
CA ARG A 136 2.49 -19.58 10.70
C ARG A 136 3.36 -18.42 11.23
N VAL A 137 2.75 -17.24 11.37
CA VAL A 137 3.45 -15.96 11.70
C VAL A 137 2.76 -15.33 12.91
N ARG A 138 3.31 -14.20 13.39
CA ARG A 138 2.70 -13.35 14.44
C ARG A 138 2.08 -12.11 13.77
N GLY A 139 2.72 -11.59 12.73
CA GLY A 139 2.26 -10.42 11.95
C GLY A 139 1.87 -10.82 10.54
N PHE A 140 0.61 -10.59 10.16
CA PHE A 140 0.08 -10.91 8.81
C PHE A 140 -0.85 -9.79 8.33
N THR A 141 -1.06 -9.75 7.01
CA THR A 141 -1.95 -8.78 6.30
C THR A 141 -3.16 -9.56 5.77
N GLN A 142 -4.36 -9.22 6.24
CA GLN A 142 -5.62 -9.89 5.87
C GLN A 142 -6.26 -9.12 4.70
N ASP A 143 -6.64 -9.83 3.63
CA ASP A 143 -7.52 -9.28 2.57
C ASP A 143 -8.93 -9.22 3.15
N ASP A 144 -9.12 -8.33 4.12
CA ASP A 144 -10.31 -8.31 5.02
C ASP A 144 -11.39 -7.40 4.42
N ALA A 145 -12.65 -7.66 4.78
CA ALA A 145 -13.79 -6.75 4.55
C ALA A 145 -14.92 -7.10 5.52
N HIS A 146 -15.68 -6.08 5.91
CA HIS A 146 -16.94 -6.20 6.69
C HIS A 146 -18.07 -5.53 5.91
N ILE A 147 -19.11 -6.30 5.59
CA ILE A 147 -20.35 -5.80 4.95
C ILE A 147 -21.37 -5.56 6.07
N PHE A 148 -21.82 -4.32 6.20
CA PHE A 148 -22.97 -3.90 7.04
C PHE A 148 -24.21 -3.91 6.15
N CYS A 149 -25.23 -4.69 6.51
CA CYS A 149 -26.43 -4.89 5.67
C CYS A 149 -27.63 -5.25 6.53
N THR A 150 -28.83 -5.22 5.93
CA THR A 150 -30.11 -5.63 6.55
C THR A 150 -30.20 -7.16 6.50
N GLU A 151 -31.07 -7.74 7.33
CA GLU A 151 -31.35 -9.20 7.35
C GLU A 151 -31.75 -9.65 5.94
N GLU A 152 -32.47 -8.79 5.20
CA GLU A 152 -33.06 -9.10 3.87
C GLU A 152 -31.97 -9.09 2.80
N GLN A 153 -30.84 -8.41 3.05
CA GLN A 153 -29.73 -8.24 2.07
C GLN A 153 -28.67 -9.35 2.22
N ILE A 154 -28.77 -10.21 3.24
CA ILE A 154 -27.71 -11.20 3.57
C ILE A 154 -27.48 -12.14 2.37
N ARG A 155 -28.53 -12.78 1.84
CA ARG A 155 -28.42 -13.79 0.76
C ARG A 155 -27.67 -13.18 -0.44
N ASP A 156 -28.09 -12.01 -0.91
CA ASP A 156 -27.50 -11.30 -2.07
C ASP A 156 -26.02 -11.00 -1.78
N GLU A 157 -25.70 -10.54 -0.56
CA GLU A 157 -24.33 -10.14 -0.18
C GLU A 157 -23.43 -11.38 -0.04
N VAL A 158 -23.94 -12.47 0.55
CA VAL A 158 -23.20 -13.75 0.68
C VAL A 158 -23.00 -14.33 -0.72
N ASN A 159 -24.02 -14.25 -1.59
CA ASN A 159 -23.96 -14.65 -3.02
C ASN A 159 -22.75 -13.99 -3.67
N ALA A 160 -22.62 -12.66 -3.54
CA ALA A 160 -21.53 -11.84 -4.13
C ALA A 160 -20.17 -12.27 -3.56
N CYS A 161 -20.09 -12.57 -2.26
CA CYS A 161 -18.87 -13.05 -1.57
C CYS A 161 -18.41 -14.37 -2.21
N ILE A 162 -19.35 -15.32 -2.39
CA ILE A 162 -19.09 -16.66 -2.99
C ILE A 162 -18.49 -16.49 -4.40
N ARG A 163 -19.12 -15.65 -5.23
N ARG A 163 -19.12 -15.65 -5.23
CA ARG A 163 -18.66 -15.36 -6.62
CA ARG A 163 -18.68 -15.35 -6.62
C ARG A 163 -17.23 -14.82 -6.57
C ARG A 163 -17.24 -14.80 -6.58
N MET A 164 -16.99 -13.84 -5.68
CA MET A 164 -15.65 -13.19 -5.51
C MET A 164 -14.61 -14.25 -5.13
N VAL A 165 -14.96 -15.19 -4.25
CA VAL A 165 -14.05 -16.28 -3.78
C VAL A 165 -13.57 -17.09 -4.99
N TYR A 166 -14.50 -17.62 -5.79
CA TYR A 166 -14.21 -18.51 -6.94
C TYR A 166 -13.48 -17.72 -8.03
N ASP A 167 -13.91 -16.48 -8.25
CA ASP A 167 -13.30 -15.50 -9.20
C ASP A 167 -11.80 -15.37 -8.88
N MET A 168 -11.47 -15.11 -7.62
CA MET A 168 -10.07 -14.81 -7.19
C MET A 168 -9.21 -16.08 -7.19
N TYR A 169 -9.74 -17.22 -6.72
CA TYR A 169 -9.01 -18.51 -6.70
C TYR A 169 -8.68 -18.97 -8.13
N SER A 170 -9.61 -18.78 -9.08
CA SER A 170 -9.46 -19.19 -10.50
C SER A 170 -8.26 -18.46 -11.15
N THR A 171 -8.02 -17.20 -10.77
CA THR A 171 -6.89 -16.38 -11.28
C THR A 171 -5.56 -17.13 -11.06
N PHE A 172 -5.40 -17.80 -9.92
CA PHE A 172 -4.14 -18.47 -9.50
C PHE A 172 -4.13 -19.95 -9.93
N GLY A 173 -5.20 -20.42 -10.58
CA GLY A 173 -5.31 -21.79 -11.12
C GLY A 173 -5.82 -22.78 -10.08
N PHE A 174 -6.55 -22.29 -9.06
CA PHE A 174 -7.19 -23.11 -8.00
C PHE A 174 -8.67 -23.30 -8.33
N GLU A 175 -9.03 -24.49 -8.83
CA GLU A 175 -10.39 -24.84 -9.31
C GLU A 175 -11.03 -25.92 -8.42
N LYS A 176 -10.23 -26.70 -7.68
CA LYS A 176 -10.74 -27.70 -6.70
C LYS A 176 -10.93 -27.00 -5.35
N ILE A 177 -12.18 -26.65 -5.02
CA ILE A 177 -12.58 -25.94 -3.76
C ILE A 177 -13.55 -26.84 -2.99
N VAL A 178 -13.23 -27.14 -1.73
CA VAL A 178 -14.13 -27.85 -0.78
C VAL A 178 -14.81 -26.78 0.09
N VAL A 179 -16.14 -26.86 0.21
CA VAL A 179 -16.98 -25.85 0.92
C VAL A 179 -17.67 -26.52 2.10
N LYS A 180 -17.64 -25.87 3.26
CA LYS A 180 -18.22 -26.39 4.53
C LYS A 180 -19.01 -25.28 5.22
N LEU A 181 -20.28 -25.55 5.54
CA LEU A 181 -21.20 -24.64 6.27
C LEU A 181 -21.27 -25.11 7.74
N SER A 182 -20.77 -24.30 8.67
CA SER A 182 -20.75 -24.59 10.12
C SER A 182 -22.04 -24.08 10.76
N THR A 183 -22.81 -24.98 11.39
CA THR A 183 -24.18 -24.72 11.91
C THR A 183 -24.14 -24.41 13.41
N ARG A 184 -25.30 -24.04 13.97
CA ARG A 184 -25.49 -23.51 15.34
C ARG A 184 -24.76 -24.39 16.36
N PRO A 185 -23.89 -23.80 17.22
CA PRO A 185 -23.28 -24.53 18.32
C PRO A 185 -24.24 -24.65 19.52
N ASP A 186 -23.86 -25.46 20.52
CA ASP A 186 -24.67 -25.72 21.74
C ASP A 186 -24.94 -24.39 22.45
N LYS A 187 -23.89 -23.59 22.68
CA LYS A 187 -23.96 -22.21 23.24
C LYS A 187 -23.98 -21.21 22.08
N ARG A 188 -25.06 -20.43 21.96
CA ARG A 188 -25.30 -19.47 20.84
C ARG A 188 -26.22 -18.33 21.31
N ILE A 189 -26.14 -17.17 20.67
CA ILE A 189 -27.06 -16.01 20.92
C ILE A 189 -28.23 -16.10 19.94
N GLY A 190 -29.30 -15.35 20.21
CA GLY A 190 -30.49 -15.26 19.34
C GLY A 190 -31.34 -16.51 19.39
N SER A 191 -32.53 -16.46 18.78
CA SER A 191 -33.54 -17.55 18.77
C SER A 191 -33.12 -18.66 17.80
N ASP A 192 -33.78 -19.82 17.90
CA ASP A 192 -33.63 -20.96 16.95
C ASP A 192 -34.10 -20.50 15.56
N GLU A 193 -35.08 -19.58 15.52
CA GLU A 193 -35.63 -18.94 14.30
C GLU A 193 -34.50 -18.20 13.55
N MET A 194 -33.73 -17.38 14.28
CA MET A 194 -32.63 -16.55 13.73
C MET A 194 -31.60 -17.46 13.04
N TRP A 195 -31.25 -18.58 13.68
CA TRP A 195 -30.26 -19.54 13.16
C TRP A 195 -30.81 -20.30 11.95
N ASP A 196 -32.09 -20.66 11.97
CA ASP A 196 -32.81 -21.29 10.82
C ASP A 196 -32.63 -20.40 9.59
N ARG A 197 -32.96 -19.11 9.72
CA ARG A 197 -32.91 -18.11 8.61
C ARG A 197 -31.45 -17.86 8.20
N ALA A 198 -30.54 -17.73 9.18
CA ALA A 198 -29.11 -17.41 8.95
C ALA A 198 -28.41 -18.57 8.20
N GLU A 199 -28.61 -19.80 8.65
CA GLU A 199 -28.07 -21.02 7.99
C GLU A 199 -28.68 -21.16 6.58
N ALA A 200 -29.98 -20.91 6.45
CA ALA A 200 -30.74 -20.95 5.17
C ALA A 200 -30.17 -19.94 4.18
N ASP A 201 -29.81 -18.74 4.66
CA ASP A 201 -29.24 -17.65 3.83
C ASP A 201 -27.92 -18.10 3.21
N LEU A 202 -27.03 -18.69 4.03
CA LEU A 202 -25.72 -19.22 3.57
C LEU A 202 -25.97 -20.37 2.58
N ALA A 203 -26.93 -21.26 2.88
CA ALA A 203 -27.24 -22.46 2.09
C ALA A 203 -27.77 -22.05 0.71
N VAL A 204 -28.73 -21.12 0.67
CA VAL A 204 -29.40 -20.63 -0.58
C VAL A 204 -28.36 -19.92 -1.45
N ALA A 205 -27.51 -19.09 -0.85
CA ALA A 205 -26.42 -18.35 -1.53
C ALA A 205 -25.52 -19.35 -2.27
N LEU A 206 -25.13 -20.44 -1.62
CA LEU A 206 -24.29 -21.51 -2.25
C LEU A 206 -25.10 -22.20 -3.37
N GLU A 207 -26.40 -22.46 -3.13
CA GLU A 207 -27.33 -23.08 -4.12
C GLU A 207 -27.46 -22.17 -5.35
N GLU A 208 -27.65 -20.87 -5.13
CA GLU A 208 -27.79 -19.85 -6.21
C GLU A 208 -26.53 -19.84 -7.09
N ASN A 209 -25.39 -20.32 -6.58
CA ASN A 209 -24.08 -20.35 -7.30
C ASN A 209 -23.77 -21.78 -7.76
N ASN A 210 -24.72 -22.71 -7.64
CA ASN A 210 -24.59 -24.13 -8.05
C ASN A 210 -23.35 -24.74 -7.38
N ILE A 211 -23.12 -24.42 -6.10
CA ILE A 211 -21.95 -24.92 -5.31
C ILE A 211 -22.42 -26.02 -4.36
N PRO A 212 -21.98 -27.26 -4.57
CA PRO A 212 -22.24 -28.35 -3.62
C PRO A 212 -21.41 -28.14 -2.34
N PHE A 213 -21.95 -28.52 -1.17
CA PHE A 213 -21.24 -28.35 0.13
C PHE A 213 -21.69 -29.43 1.12
N GLU A 214 -21.08 -29.41 2.32
CA GLU A 214 -21.42 -30.28 3.46
C GLU A 214 -21.42 -29.44 4.74
N TYR A 215 -22.17 -29.89 5.75
CA TYR A 215 -22.26 -29.23 7.07
C TYR A 215 -21.06 -29.67 7.93
N GLN A 216 -20.50 -28.73 8.69
CA GLN A 216 -19.73 -29.01 9.94
C GLN A 216 -20.67 -28.74 11.10
N LEU A 217 -21.39 -29.78 11.55
CA LEU A 217 -22.54 -29.66 12.50
C LEU A 217 -22.03 -29.17 13.86
N GLY A 218 -22.60 -28.08 14.37
CA GLY A 218 -22.33 -27.51 15.70
C GLY A 218 -21.03 -26.76 15.79
N GLU A 219 -20.34 -26.51 14.67
CA GLU A 219 -18.99 -25.87 14.65
C GLU A 219 -19.09 -24.36 14.39
N GLY A 220 -20.31 -23.84 14.20
CA GLY A 220 -20.57 -22.39 14.01
C GLY A 220 -20.10 -21.59 15.21
N ALA A 221 -19.82 -20.30 15.03
CA ALA A 221 -19.44 -19.36 16.10
C ALA A 221 -20.69 -19.03 16.93
N PHE A 222 -20.48 -18.62 18.19
CA PHE A 222 -21.51 -18.16 19.16
C PHE A 222 -22.47 -17.17 18.49
N TYR A 223 -21.95 -16.33 17.59
CA TYR A 223 -22.59 -15.10 17.06
C TYR A 223 -23.07 -15.29 15.61
N GLY A 224 -22.87 -16.47 15.01
CA GLY A 224 -23.49 -16.79 13.71
C GLY A 224 -22.83 -17.95 12.97
N PRO A 225 -23.50 -18.48 11.91
CA PRO A 225 -22.93 -19.54 11.09
C PRO A 225 -21.89 -18.96 10.12
N LYS A 226 -21.11 -19.83 9.48
CA LYS A 226 -20.05 -19.42 8.52
C LYS A 226 -19.96 -20.43 7.38
N ILE A 227 -19.42 -19.98 6.24
CA ILE A 227 -18.93 -20.83 5.12
C ILE A 227 -17.40 -20.77 5.14
N GLU A 228 -16.73 -21.91 5.03
CA GLU A 228 -15.26 -21.98 4.87
C GLU A 228 -14.93 -22.63 3.54
N PHE A 229 -13.96 -22.06 2.83
CA PHE A 229 -13.48 -22.49 1.49
C PHE A 229 -12.06 -23.03 1.63
N THR A 230 -11.87 -24.30 1.29
CA THR A 230 -10.56 -25.00 1.27
C THR A 230 -10.17 -25.24 -0.20
N LEU A 231 -9.11 -24.57 -0.67
CA LEU A 231 -8.55 -24.79 -2.02
C LEU A 231 -7.48 -25.89 -1.95
N TYR A 232 -7.28 -26.59 -3.07
CA TYR A 232 -6.28 -27.68 -3.22
C TYR A 232 -5.25 -27.24 -4.28
N ASP A 233 -3.97 -27.27 -3.92
CA ASP A 233 -2.84 -26.91 -4.82
C ASP A 233 -2.58 -28.09 -5.77
N CYS A 234 -1.58 -27.97 -6.65
CA CYS A 234 -1.24 -28.99 -7.69
C CYS A 234 -0.73 -30.27 -7.03
N LEU A 235 -0.23 -30.21 -5.80
CA LEU A 235 0.19 -31.39 -4.98
C LEU A 235 -1.02 -32.02 -4.28
N ASP A 236 -2.22 -31.47 -4.49
CA ASP A 236 -3.50 -31.94 -3.90
C ASP A 236 -3.46 -31.76 -2.38
N ARG A 237 -2.75 -30.73 -1.89
CA ARG A 237 -2.71 -30.36 -0.45
C ARG A 237 -3.83 -29.36 -0.18
N ALA A 238 -4.57 -29.54 0.92
CA ALA A 238 -5.71 -28.70 1.35
C ALA A 238 -5.19 -27.44 2.06
N TRP A 239 -5.68 -26.27 1.64
CA TRP A 239 -5.42 -24.97 2.30
C TRP A 239 -6.75 -24.27 2.58
N GLN A 240 -7.17 -24.20 3.85
CA GLN A 240 -8.34 -23.38 4.26
C GLN A 240 -7.91 -21.91 4.22
N CYS A 241 -8.50 -21.12 3.32
CA CYS A 241 -8.14 -19.69 3.07
C CYS A 241 -9.37 -18.80 3.25
N GLY A 242 -10.47 -19.12 2.57
CA GLY A 242 -11.67 -18.28 2.49
C GLY A 242 -12.65 -18.53 3.62
N THR A 243 -13.18 -17.48 4.22
CA THR A 243 -14.25 -17.53 5.26
C THR A 243 -15.30 -16.46 4.96
N VAL A 244 -16.58 -16.83 5.08
CA VAL A 244 -17.73 -15.88 5.14
C VAL A 244 -18.47 -16.15 6.46
N GLN A 245 -18.41 -15.20 7.40
CA GLN A 245 -18.87 -15.35 8.79
C GLN A 245 -19.97 -14.32 9.06
N LEU A 246 -21.19 -14.77 9.36
CA LEU A 246 -22.31 -13.88 9.81
C LEU A 246 -22.09 -13.55 11.29
N ASP A 247 -22.36 -12.30 11.66
CA ASP A 247 -22.12 -11.78 13.03
C ASP A 247 -23.34 -10.96 13.46
N PHE A 248 -24.12 -11.50 14.40
CA PHE A 248 -25.32 -10.87 14.99
C PHE A 248 -24.99 -10.28 16.38
N SER A 249 -23.70 -10.09 16.68
CA SER A 249 -23.19 -9.71 18.02
C SER A 249 -22.43 -8.37 18.00
N LEU A 250 -21.38 -8.27 17.17
CA LEU A 250 -20.38 -7.17 17.28
C LEU A 250 -21.03 -5.81 17.05
N PRO A 251 -21.85 -5.60 15.97
CA PRO A 251 -22.48 -4.30 15.75
C PRO A 251 -23.21 -3.78 16.99
N SER A 252 -24.05 -4.62 17.61
CA SER A 252 -24.79 -4.30 18.86
C SER A 252 -23.80 -3.91 19.97
N ARG A 253 -22.78 -4.75 20.20
CA ARG A 253 -21.76 -4.57 21.27
C ARG A 253 -21.07 -3.21 21.12
N LEU A 254 -20.83 -2.76 19.88
CA LEU A 254 -20.07 -1.51 19.56
C LEU A 254 -21.03 -0.40 19.11
N SER A 255 -22.32 -0.50 19.47
CA SER A 255 -23.36 0.55 19.31
C SER A 255 -23.48 0.99 17.83
N ALA A 256 -23.38 0.04 16.90
CA ALA A 256 -23.63 0.26 15.46
C ALA A 256 -25.14 0.27 15.22
N SER A 257 -25.63 1.28 14.50
CA SER A 257 -27.07 1.42 14.15
C SER A 257 -27.24 2.19 12.85
N TYR A 258 -28.42 2.05 12.22
CA TYR A 258 -28.89 2.82 11.05
C TYR A 258 -30.37 3.13 11.23
N VAL A 259 -30.84 4.22 10.62
CA VAL A 259 -32.28 4.63 10.58
C VAL A 259 -32.95 3.83 9.45
N GLY A 260 -33.83 2.88 9.80
CA GLY A 260 -34.56 2.04 8.85
C GLY A 260 -35.51 2.86 7.98
N GLU A 261 -36.11 2.24 6.96
CA GLU A 261 -37.10 2.87 6.05
C GLU A 261 -38.39 3.20 6.84
N ASP A 262 -38.64 2.47 7.93
CA ASP A 262 -39.80 2.69 8.85
C ASP A 262 -39.46 3.79 9.87
N ASN A 263 -38.25 4.37 9.79
CA ASN A 263 -37.77 5.52 10.61
C ASN A 263 -37.40 5.05 12.03
N GLU A 264 -37.35 3.74 12.27
CA GLU A 264 -36.90 3.15 13.56
C GLU A 264 -35.40 2.85 13.45
N ARG A 265 -34.67 3.02 14.56
N ARG A 265 -34.68 3.01 14.57
CA ARG A 265 -33.22 2.72 14.66
CA ARG A 265 -33.23 2.72 14.68
C ARG A 265 -33.03 1.20 14.72
C ARG A 265 -33.04 1.20 14.73
N LYS A 266 -32.16 0.66 13.86
CA LYS A 266 -31.93 -0.81 13.74
C LYS A 266 -30.42 -1.10 13.78
N VAL A 267 -30.06 -2.28 14.27
CA VAL A 267 -28.66 -2.78 14.32
C VAL A 267 -28.37 -3.47 12.98
N PRO A 268 -27.29 -3.09 12.25
CA PRO A 268 -26.94 -3.76 11.02
C PRO A 268 -26.42 -5.18 11.28
N VAL A 269 -26.70 -6.11 10.38
CA VAL A 269 -26.02 -7.44 10.32
C VAL A 269 -24.60 -7.18 9.83
N MET A 270 -23.61 -7.88 10.38
CA MET A 270 -22.20 -7.83 9.91
C MET A 270 -21.84 -9.16 9.24
N ILE A 271 -21.25 -9.10 8.05
CA ILE A 271 -20.59 -10.25 7.37
C ILE A 271 -19.08 -9.98 7.37
N HIS A 272 -18.30 -10.83 8.04
CA HIS A 272 -16.83 -10.88 7.92
C HIS A 272 -16.51 -11.76 6.71
N ARG A 273 -15.57 -11.35 5.86
CA ARG A 273 -15.02 -12.28 4.83
C ARG A 273 -13.56 -11.92 4.54
N ALA A 274 -12.73 -12.96 4.43
CA ALA A 274 -11.39 -12.95 3.82
C ALA A 274 -11.37 -14.06 2.77
N ILE A 275 -10.72 -13.83 1.64
CA ILE A 275 -10.70 -14.79 0.49
C ILE A 275 -9.32 -15.45 0.42
N LEU A 276 -8.26 -14.65 0.27
CA LEU A 276 -6.85 -15.14 0.33
C LEU A 276 -6.54 -15.56 1.78
N GLY A 277 -7.10 -14.84 2.76
CA GLY A 277 -6.88 -15.07 4.21
C GLY A 277 -5.71 -14.23 4.72
N SER A 278 -4.54 -14.84 4.88
CA SER A 278 -3.25 -14.16 5.15
C SER A 278 -2.51 -13.99 3.82
N MET A 279 -2.24 -12.73 3.44
CA MET A 279 -1.51 -12.38 2.19
C MET A 279 -0.15 -13.10 2.21
N GLU A 280 0.53 -13.09 3.37
CA GLU A 280 1.85 -13.73 3.60
C GLU A 280 1.74 -15.23 3.33
N ARG A 281 0.76 -15.89 3.96
CA ARG A 281 0.49 -17.34 3.80
C ARG A 281 0.17 -17.63 2.33
N PHE A 282 -0.66 -16.80 1.70
CA PHE A 282 -1.10 -17.00 0.29
C PHE A 282 0.11 -16.89 -0.64
N ILE A 283 1.02 -15.96 -0.37
CA ILE A 283 2.32 -15.82 -1.12
C ILE A 283 3.13 -17.11 -0.91
N GLY A 284 3.15 -17.61 0.33
CA GLY A 284 3.80 -18.90 0.68
C GLY A 284 3.25 -20.04 -0.15
N ILE A 285 1.92 -20.16 -0.23
CA ILE A 285 1.20 -21.23 -1.00
C ILE A 285 1.52 -21.08 -2.49
N LEU A 286 1.49 -19.85 -3.03
CA LEU A 286 1.76 -19.58 -4.47
C LEU A 286 3.22 -19.94 -4.79
N THR A 287 4.16 -19.59 -3.91
CA THR A 287 5.61 -19.88 -4.06
C THR A 287 5.81 -21.39 -4.27
N GLU A 288 5.12 -22.22 -3.48
CA GLU A 288 5.23 -23.71 -3.55
C GLU A 288 4.43 -24.23 -4.75
N GLU A 289 3.25 -23.65 -5.01
CA GLU A 289 2.36 -24.02 -6.15
C GLU A 289 3.13 -23.89 -7.47
N PHE A 290 3.84 -22.78 -7.67
CA PHE A 290 4.55 -22.44 -8.92
C PHE A 290 6.03 -22.83 -8.83
N ALA A 291 6.49 -23.28 -7.66
CA ALA A 291 7.91 -23.60 -7.35
C ALA A 291 8.82 -22.42 -7.70
N GLY A 292 8.34 -21.19 -7.44
CA GLY A 292 9.08 -19.94 -7.69
C GLY A 292 8.88 -19.39 -9.09
N PHE A 293 8.20 -20.12 -9.97
CA PHE A 293 7.91 -19.73 -11.38
C PHE A 293 6.61 -18.91 -11.41
N PHE A 294 6.59 -17.77 -10.72
CA PHE A 294 5.40 -16.90 -10.55
C PHE A 294 4.87 -16.51 -11.94
N PRO A 295 3.53 -16.49 -12.14
CA PRO A 295 2.96 -15.97 -13.39
C PRO A 295 3.52 -14.57 -13.68
N THR A 296 3.62 -14.20 -14.96
CA THR A 296 4.36 -13.00 -15.44
C THR A 296 3.90 -11.76 -14.66
N TRP A 297 2.59 -11.61 -14.44
CA TRP A 297 2.00 -10.42 -13.76
C TRP A 297 2.54 -10.30 -12.33
N LEU A 298 2.96 -11.41 -11.70
CA LEU A 298 3.46 -11.45 -10.29
C LEU A 298 4.99 -11.42 -10.23
N ALA A 299 5.70 -11.77 -11.32
CA ALA A 299 7.17 -11.93 -11.36
C ALA A 299 7.85 -10.63 -10.93
N PRO A 300 8.81 -10.67 -9.97
CA PRO A 300 9.55 -9.46 -9.58
C PRO A 300 10.17 -8.75 -10.78
N VAL A 301 10.93 -9.50 -11.59
CA VAL A 301 11.48 -9.06 -12.91
C VAL A 301 10.81 -9.92 -13.99
N GLN A 302 10.05 -9.29 -14.90
CA GLN A 302 9.20 -9.96 -15.91
C GLN A 302 10.01 -10.25 -17.18
N VAL A 303 10.94 -9.35 -17.55
CA VAL A 303 11.75 -9.46 -18.79
C VAL A 303 13.18 -9.02 -18.49
N VAL A 304 14.17 -9.80 -18.95
CA VAL A 304 15.59 -9.36 -19.05
C VAL A 304 15.96 -9.32 -20.54
N VAL A 305 16.32 -8.14 -21.04
CA VAL A 305 16.84 -7.93 -22.42
C VAL A 305 18.37 -8.07 -22.36
N MET A 306 18.95 -8.86 -23.26
CA MET A 306 20.39 -9.24 -23.22
C MET A 306 20.98 -9.26 -24.62
N ASN A 307 22.23 -8.81 -24.74
CA ASN A 307 23.02 -8.80 -26.00
C ASN A 307 23.92 -10.04 -26.00
N ILE A 308 24.24 -10.55 -27.20
CA ILE A 308 25.19 -11.67 -27.40
C ILE A 308 26.62 -11.11 -27.26
N THR A 309 26.90 -9.99 -27.92
CA THR A 309 28.21 -9.27 -27.88
C THR A 309 27.97 -7.78 -27.63
N ASP A 310 29.04 -7.01 -27.49
CA ASP A 310 29.00 -5.55 -27.24
C ASP A 310 28.22 -4.84 -28.36
N SER A 311 28.20 -5.41 -29.56
CA SER A 311 27.65 -4.79 -30.80
C SER A 311 26.16 -4.47 -30.68
N GLN A 312 25.39 -5.21 -29.87
CA GLN A 312 23.92 -5.03 -29.76
C GLN A 312 23.54 -4.21 -28.51
N SER A 313 24.51 -3.62 -27.82
CA SER A 313 24.31 -2.89 -26.54
C SER A 313 23.25 -1.78 -26.70
N GLU A 314 23.33 -0.99 -27.78
CA GLU A 314 22.47 0.20 -27.98
C GLU A 314 21.07 -0.23 -28.44
N TYR A 315 20.94 -1.35 -29.15
CA TYR A 315 19.63 -1.95 -29.51
C TYR A 315 18.94 -2.45 -28.24
N VAL A 316 19.71 -3.07 -27.34
CA VAL A 316 19.21 -3.56 -26.01
C VAL A 316 18.68 -2.36 -25.21
N ASN A 317 19.43 -1.25 -25.19
CA ASN A 317 19.06 -0.02 -24.44
C ASN A 317 17.73 0.53 -24.97
N GLU A 318 17.57 0.60 -26.30
CA GLU A 318 16.33 1.10 -26.96
C GLU A 318 15.15 0.18 -26.60
N LEU A 319 15.33 -1.14 -26.69
CA LEU A 319 14.29 -2.16 -26.44
C LEU A 319 13.89 -2.12 -24.96
N THR A 320 14.87 -2.00 -24.06
CA THR A 320 14.66 -1.94 -22.58
C THR A 320 13.80 -0.71 -22.25
N GLN A 321 14.08 0.43 -22.87
CA GLN A 321 13.29 1.69 -22.71
C GLN A 321 11.87 1.48 -23.23
N LYS A 322 11.71 0.83 -24.40
CA LYS A 322 10.38 0.54 -25.01
C LYS A 322 9.54 -0.28 -24.02
N LEU A 323 10.12 -1.32 -23.42
CA LEU A 323 9.46 -2.21 -22.43
C LEU A 323 9.14 -1.43 -21.16
N GLN A 324 10.07 -0.58 -20.71
CA GLN A 324 9.89 0.31 -19.53
C GLN A 324 8.65 1.19 -19.77
N ASN A 325 8.57 1.83 -20.95
CA ASN A 325 7.46 2.73 -21.36
C ASN A 325 6.14 1.95 -21.42
N ALA A 326 6.19 0.65 -21.75
CA ALA A 326 5.01 -0.24 -21.86
C ALA A 326 4.53 -0.70 -20.47
N GLY A 327 5.24 -0.29 -19.41
CA GLY A 327 4.86 -0.57 -18.01
C GLY A 327 5.33 -1.95 -17.55
N ILE A 328 6.30 -2.55 -18.26
CA ILE A 328 6.83 -3.90 -17.95
C ILE A 328 8.04 -3.76 -17.02
N ARG A 329 8.11 -4.61 -15.99
CA ARG A 329 9.27 -4.68 -15.06
C ARG A 329 10.42 -5.35 -15.82
N VAL A 330 11.36 -4.53 -16.31
CA VAL A 330 12.42 -4.96 -17.27
C VAL A 330 13.79 -4.54 -16.71
N LYS A 331 14.80 -5.38 -16.95
CA LYS A 331 16.24 -5.08 -16.69
C LYS A 331 17.04 -5.40 -17.95
N ALA A 332 18.10 -4.64 -18.20
CA ALA A 332 19.10 -4.92 -19.26
C ALA A 332 20.27 -5.69 -18.63
N ASP A 333 20.64 -6.83 -19.22
CA ASP A 333 21.88 -7.58 -18.89
C ASP A 333 22.91 -7.29 -19.98
N LEU A 334 23.77 -6.30 -19.77
CA LEU A 334 24.80 -5.81 -20.73
C LEU A 334 26.19 -6.26 -20.28
N ARG A 335 26.28 -7.21 -19.33
CA ARG A 335 27.56 -7.74 -18.79
C ARG A 335 28.34 -8.43 -19.91
N ASN A 336 29.67 -8.33 -19.89
CA ASN A 336 30.58 -9.05 -20.82
C ASN A 336 30.65 -10.51 -20.37
N GLU A 337 29.60 -11.27 -20.67
CA GLU A 337 29.43 -12.70 -20.32
C GLU A 337 28.83 -13.43 -21.53
N LYS A 338 29.06 -14.74 -21.64
CA LYS A 338 28.40 -15.62 -22.64
C LYS A 338 26.89 -15.47 -22.52
N ILE A 339 26.17 -15.54 -23.65
CA ILE A 339 24.67 -15.53 -23.69
C ILE A 339 24.15 -16.70 -22.85
N GLY A 340 24.82 -17.86 -22.91
CA GLY A 340 24.49 -19.06 -22.11
C GLY A 340 24.51 -18.77 -20.62
N PHE A 341 25.55 -18.09 -20.14
CA PHE A 341 25.76 -17.69 -18.72
C PHE A 341 24.61 -16.79 -18.26
N LYS A 342 24.24 -15.80 -19.08
CA LYS A 342 23.14 -14.84 -18.79
C LYS A 342 21.82 -15.60 -18.66
N ILE A 343 21.48 -16.42 -19.67
CA ILE A 343 20.21 -17.20 -19.73
C ILE A 343 20.11 -18.10 -18.49
N ARG A 344 21.19 -18.82 -18.14
CA ARG A 344 21.24 -19.74 -16.98
C ARG A 344 20.93 -18.97 -15.69
N GLU A 345 21.58 -17.82 -15.47
CA GLU A 345 21.42 -17.00 -14.24
C GLU A 345 19.97 -16.55 -14.12
N HIS A 346 19.42 -15.93 -15.17
CA HIS A 346 18.05 -15.33 -15.17
C HIS A 346 16.99 -16.43 -15.16
N THR A 347 17.30 -17.61 -15.73
CA THR A 347 16.45 -18.83 -15.63
C THR A 347 16.37 -19.28 -14.16
N LEU A 348 17.51 -19.32 -13.47
CA LEU A 348 17.61 -19.72 -12.03
C LEU A 348 16.84 -18.71 -11.16
N ARG A 349 16.79 -17.45 -11.59
CA ARG A 349 16.05 -16.35 -10.87
C ARG A 349 14.57 -16.33 -11.30
N ARG A 350 14.17 -17.27 -12.18
CA ARG A 350 12.76 -17.52 -12.59
C ARG A 350 12.19 -16.29 -13.33
N VAL A 351 13.01 -15.59 -14.11
CA VAL A 351 12.56 -14.46 -14.97
C VAL A 351 11.73 -15.06 -16.12
N PRO A 352 10.44 -14.71 -16.24
CA PRO A 352 9.56 -15.30 -17.27
C PRO A 352 10.17 -15.32 -18.68
N TYR A 353 10.65 -14.16 -19.16
CA TYR A 353 11.12 -13.97 -20.56
C TYR A 353 12.54 -13.38 -20.57
N MET A 354 13.39 -13.96 -21.42
CA MET A 354 14.73 -13.44 -21.74
C MET A 354 14.76 -13.07 -23.23
N LEU A 355 14.84 -11.76 -23.52
CA LEU A 355 14.78 -11.19 -24.89
C LEU A 355 16.22 -11.05 -25.42
N VAL A 356 16.64 -11.98 -26.27
CA VAL A 356 18.04 -12.12 -26.76
C VAL A 356 18.18 -11.32 -28.07
N CYS A 357 19.16 -10.42 -28.11
CA CYS A 357 19.46 -9.55 -29.27
C CYS A 357 20.84 -9.92 -29.84
N GLY A 358 20.85 -10.66 -30.96
CA GLY A 358 22.02 -10.88 -31.82
C GLY A 358 21.98 -9.95 -33.03
N ASP A 359 22.97 -10.02 -33.91
CA ASP A 359 23.08 -9.14 -35.11
C ASP A 359 21.84 -9.33 -35.99
N LYS A 360 21.42 -10.58 -36.21
CA LYS A 360 20.23 -10.95 -37.04
C LYS A 360 18.99 -10.25 -36.51
N GLU A 361 18.82 -10.19 -35.18
CA GLU A 361 17.65 -9.54 -34.53
C GLU A 361 17.70 -8.03 -34.77
N VAL A 362 18.85 -7.39 -34.51
CA VAL A 362 19.04 -5.92 -34.65
C VAL A 362 18.74 -5.51 -36.09
N GLU A 363 19.28 -6.25 -37.06
CA GLU A 363 19.22 -5.92 -38.51
C GLU A 363 17.77 -5.98 -39.02
N ALA A 364 16.93 -6.85 -38.44
CA ALA A 364 15.53 -7.09 -38.87
C ALA A 364 14.54 -6.33 -37.96
N GLY A 365 15.03 -5.65 -36.91
CA GLY A 365 14.18 -4.99 -35.91
C GLY A 365 13.31 -5.99 -35.16
N LYS A 366 13.84 -7.18 -34.90
CA LYS A 366 13.16 -8.28 -34.18
C LYS A 366 13.87 -8.54 -32.86
N VAL A 367 13.40 -9.51 -32.08
CA VAL A 367 14.05 -10.00 -30.83
C VAL A 367 13.78 -11.50 -30.69
N ALA A 368 14.78 -12.27 -30.24
CA ALA A 368 14.68 -13.73 -29.99
C ALA A 368 14.18 -13.94 -28.55
N VAL A 369 13.03 -14.59 -28.39
CA VAL A 369 12.33 -14.74 -27.08
C VAL A 369 12.60 -16.15 -26.53
N ARG A 370 13.18 -16.21 -25.33
CA ARG A 370 13.46 -17.46 -24.56
C ARG A 370 12.64 -17.41 -23.26
N THR A 371 11.97 -18.52 -22.92
CA THR A 371 11.20 -18.68 -21.65
C THR A 371 12.11 -19.27 -20.58
N ARG A 372 11.80 -19.03 -19.30
CA ARG A 372 12.49 -19.63 -18.13
C ARG A 372 12.30 -21.15 -18.12
N ARG A 373 11.36 -21.67 -18.92
CA ARG A 373 11.13 -23.13 -19.12
C ARG A 373 12.08 -23.67 -20.21
N GLY A 374 12.95 -22.82 -20.75
CA GLY A 374 14.05 -23.21 -21.66
C GLY A 374 13.61 -23.33 -23.10
N LYS A 375 12.40 -22.85 -23.44
CA LYS A 375 11.81 -22.92 -24.81
C LYS A 375 12.23 -21.69 -25.62
N ASP A 376 12.69 -21.91 -26.85
CA ASP A 376 12.97 -20.85 -27.85
C ASP A 376 11.71 -20.62 -28.69
N LEU A 377 11.08 -19.45 -28.55
CA LEU A 377 9.88 -19.04 -29.34
C LEU A 377 10.32 -18.46 -30.70
N GLY A 378 11.64 -18.24 -30.88
CA GLY A 378 12.23 -17.73 -32.13
C GLY A 378 12.33 -16.22 -32.13
N SER A 379 12.56 -15.63 -33.30
CA SER A 379 12.68 -14.16 -33.52
C SER A 379 11.33 -13.59 -33.96
N LEU A 380 10.84 -12.56 -33.26
CA LEU A 380 9.50 -11.96 -33.48
C LEU A 380 9.64 -10.43 -33.53
N ASP A 381 8.70 -9.75 -34.20
CA ASP A 381 8.60 -8.28 -34.24
C ASP A 381 8.55 -7.74 -32.80
N VAL A 382 9.33 -6.69 -32.52
CA VAL A 382 9.45 -6.08 -31.16
C VAL A 382 8.06 -5.63 -30.68
N ASN A 383 7.33 -4.87 -31.49
CA ASN A 383 6.02 -4.26 -31.12
C ASN A 383 4.99 -5.38 -30.86
N ASP A 384 5.03 -6.46 -31.64
CA ASP A 384 4.11 -7.62 -31.49
C ASP A 384 4.40 -8.33 -30.16
N VAL A 385 5.68 -8.48 -29.79
CA VAL A 385 6.12 -9.11 -28.51
C VAL A 385 5.66 -8.23 -27.34
N ILE A 386 5.90 -6.91 -27.42
CA ILE A 386 5.55 -5.94 -26.34
C ILE A 386 4.03 -5.97 -26.13
N GLU A 387 3.25 -5.89 -27.22
CA GLU A 387 1.76 -5.97 -27.20
C GLU A 387 1.32 -7.27 -26.50
N LYS A 388 1.99 -8.38 -26.82
CA LYS A 388 1.66 -9.74 -26.30
C LYS A 388 2.01 -9.83 -24.81
N LEU A 389 3.15 -9.28 -24.40
CA LEU A 389 3.60 -9.27 -22.98
C LEU A 389 2.61 -8.42 -22.15
N GLN A 390 2.20 -7.26 -22.67
CA GLN A 390 1.22 -6.35 -22.02
C GLN A 390 -0.10 -7.08 -21.78
N GLN A 391 -0.60 -7.79 -22.80
CA GLN A 391 -1.89 -8.53 -22.75
C GLN A 391 -1.80 -9.63 -21.67
N GLU A 392 -0.73 -10.42 -21.68
CA GLU A 392 -0.46 -11.50 -20.70
C GLU A 392 -0.45 -10.92 -19.28
N ILE A 393 0.12 -9.73 -19.11
CA ILE A 393 0.24 -9.04 -17.78
C ILE A 393 -1.13 -8.48 -17.37
N ARG A 394 -1.83 -7.79 -18.29
CA ARG A 394 -3.16 -7.16 -18.04
C ARG A 394 -4.20 -8.24 -17.71
N SER A 395 -4.18 -9.35 -18.44
CA SER A 395 -5.14 -10.47 -18.30
C SER A 395 -4.78 -11.32 -17.08
N ARG A 396 -3.61 -11.10 -16.47
CA ARG A 396 -3.07 -11.87 -15.32
C ARG A 396 -3.08 -13.36 -15.69
N SER A 397 -2.64 -13.69 -16.90
CA SER A 397 -2.65 -15.05 -17.50
C SER A 397 -1.66 -15.94 -16.75
N LEU A 398 -2.01 -17.22 -16.56
CA LEU A 398 -1.13 -18.27 -15.98
C LEU A 398 -0.21 -18.83 -17.09
N GLN A 399 -0.60 -18.65 -18.35
CA GLN A 399 0.07 -19.25 -19.55
C GLN A 399 0.99 -18.21 -20.20
N GLN A 400 2.21 -18.64 -20.58
CA GLN A 400 3.23 -17.80 -21.27
C GLN A 400 2.97 -17.84 -22.78
N LEU A 401 3.69 -17.01 -23.55
CA LEU A 401 3.53 -16.85 -25.02
C LEU A 401 3.85 -18.19 -25.72
N GLU A 402 3.23 -18.43 -26.88
CA GLU A 402 3.34 -19.70 -27.66
C GLU A 402 4.10 -19.42 -28.97
N GLY B 2 -12.14 29.72 6.09
CA GLY B 2 -11.47 28.66 6.91
C GLY B 2 -10.94 27.53 6.05
N ARG B 3 -9.85 26.90 6.46
CA ARG B 3 -9.19 25.77 5.76
C ARG B 3 -8.64 24.75 6.77
N ASP B 4 -9.36 24.53 7.87
CA ASP B 4 -8.99 23.54 8.91
C ASP B 4 -9.09 22.13 8.32
N HIS B 5 -7.97 21.40 8.29
CA HIS B 5 -7.89 20.01 7.77
C HIS B 5 -8.85 19.10 8.58
N ARG B 6 -9.08 19.43 9.85
CA ARG B 6 -10.03 18.70 10.73
C ARG B 6 -11.46 18.85 10.17
N LYS B 7 -11.83 20.06 9.79
CA LYS B 7 -13.19 20.40 9.27
C LYS B 7 -13.38 19.75 7.90
N ILE B 8 -12.41 19.94 6.99
CA ILE B 8 -12.45 19.41 5.59
C ILE B 8 -12.42 17.88 5.65
N GLY B 9 -11.58 17.31 6.53
CA GLY B 9 -11.48 15.86 6.76
C GLY B 9 -12.83 15.23 7.07
N LYS B 10 -13.64 15.90 7.90
CA LYS B 10 -15.00 15.44 8.28
C LYS B 10 -15.97 15.68 7.11
N GLN B 11 -15.97 16.91 6.58
CA GLN B 11 -16.88 17.37 5.50
C GLN B 11 -16.77 16.47 4.26
N LEU B 12 -15.55 16.11 3.86
CA LEU B 12 -15.28 15.31 2.63
C LEU B 12 -15.08 13.82 2.96
N ASP B 13 -15.30 13.42 4.22
N ASP B 13 -15.30 13.43 4.22
CA ASP B 13 -15.25 12.01 4.68
CA ASP B 13 -15.23 12.02 4.68
C ASP B 13 -13.88 11.41 4.38
C ASP B 13 -13.86 11.42 4.35
N LEU B 14 -12.79 12.13 4.72
CA LEU B 14 -11.39 11.70 4.44
C LEU B 14 -10.90 10.81 5.57
N TYR B 15 -11.11 11.23 6.83
CA TYR B 15 -10.58 10.55 8.03
C TYR B 15 -11.36 10.96 9.27
N HIS B 16 -11.14 10.24 10.38
CA HIS B 16 -11.54 10.66 11.74
C HIS B 16 -10.52 10.13 12.75
N MET B 17 -10.54 10.72 13.94
CA MET B 17 -9.74 10.31 15.12
C MET B 17 -10.67 10.32 16.34
N GLN B 18 -10.39 9.48 17.34
CA GLN B 18 -11.26 9.33 18.53
C GLN B 18 -10.39 9.00 19.75
N GLU B 19 -10.96 9.15 20.94
CA GLU B 19 -10.24 9.08 22.25
C GLU B 19 -9.70 7.67 22.48
N GLU B 20 -10.34 6.64 21.92
CA GLU B 20 -9.95 5.21 22.13
C GLU B 20 -8.62 4.91 21.41
N ALA B 21 -8.16 5.81 20.54
CA ALA B 21 -6.86 5.70 19.81
C ALA B 21 -6.25 7.09 19.66
N PRO B 22 -5.68 7.70 20.73
CA PRO B 22 -5.17 9.06 20.65
C PRO B 22 -4.04 9.19 19.63
N GLY B 23 -4.12 10.20 18.77
CA GLY B 23 -3.06 10.52 17.78
C GLY B 23 -2.88 9.41 16.76
N MET B 24 -3.93 8.65 16.46
CA MET B 24 -3.88 7.60 15.39
C MET B 24 -5.10 7.73 14.49
N VAL B 25 -4.89 7.61 13.19
CA VAL B 25 -5.88 8.06 12.16
C VAL B 25 -6.63 6.84 11.62
N PHE B 26 -7.96 6.98 11.52
CA PHE B 26 -8.84 6.10 10.72
C PHE B 26 -9.01 6.75 9.35
N TRP B 27 -8.43 6.16 8.31
CA TRP B 27 -8.56 6.71 6.93
C TRP B 27 -9.83 6.14 6.30
N HIS B 28 -10.80 7.00 6.02
CA HIS B 28 -12.06 6.65 5.32
C HIS B 28 -11.73 6.48 3.83
N ASN B 29 -12.69 5.98 3.04
CA ASN B 29 -12.50 5.61 1.62
C ASN B 29 -11.79 6.74 0.86
N ASP B 30 -12.32 7.97 0.93
CA ASP B 30 -11.87 9.10 0.08
C ASP B 30 -10.50 9.61 0.56
N GLY B 31 -10.26 9.59 1.87
CA GLY B 31 -8.96 9.96 2.46
C GLY B 31 -7.88 8.95 2.11
N TRP B 32 -8.22 7.66 2.16
CA TRP B 32 -7.30 6.55 1.81
C TRP B 32 -6.95 6.61 0.32
N THR B 33 -7.88 7.06 -0.52
CA THR B 33 -7.65 7.30 -1.97
C THR B 33 -6.53 8.34 -2.14
N ILE B 34 -6.60 9.45 -1.38
CA ILE B 34 -5.57 10.54 -1.42
C ILE B 34 -4.23 9.97 -0.94
N PHE B 35 -4.23 9.29 0.21
CA PHE B 35 -3.03 8.64 0.82
C PHE B 35 -2.34 7.77 -0.24
N ARG B 36 -3.10 6.90 -0.90
CA ARG B 36 -2.56 5.90 -1.88
C ARG B 36 -2.01 6.63 -3.11
N GLU B 37 -2.68 7.68 -3.60
CA GLU B 37 -2.18 8.49 -4.75
C GLU B 37 -0.85 9.16 -4.38
N LEU B 38 -0.73 9.65 -3.14
CA LEU B 38 0.54 10.22 -2.62
C LEU B 38 1.62 9.13 -2.63
N GLU B 39 1.27 7.90 -2.21
CA GLU B 39 2.20 6.74 -2.22
C GLU B 39 2.65 6.45 -3.65
N VAL B 40 1.69 6.38 -4.60
CA VAL B 40 1.98 6.14 -6.06
C VAL B 40 3.00 7.18 -6.53
N PHE B 41 2.79 8.45 -6.18
CA PHE B 41 3.68 9.58 -6.56
C PHE B 41 5.10 9.32 -6.04
N VAL B 42 5.23 9.05 -4.73
CA VAL B 42 6.54 8.81 -4.07
C VAL B 42 7.23 7.64 -4.79
N ARG B 43 6.49 6.56 -5.08
CA ARG B 43 7.01 5.34 -5.76
C ARG B 43 7.57 5.70 -7.15
N SER B 44 6.91 6.61 -7.87
CA SER B 44 7.37 7.09 -9.20
C SER B 44 8.75 7.75 -9.06
N LYS B 45 8.96 8.50 -7.97
CA LYS B 45 10.27 9.15 -7.64
C LYS B 45 11.27 8.07 -7.21
N LEU B 46 10.85 7.11 -6.37
CA LEU B 46 11.72 5.99 -5.91
C LEU B 46 12.31 5.27 -7.12
N LYS B 47 11.50 4.99 -8.14
CA LYS B 47 11.95 4.34 -9.41
C LYS B 47 12.94 5.25 -10.13
N GLU B 48 12.59 6.53 -10.31
CA GLU B 48 13.39 7.53 -11.07
C GLU B 48 14.77 7.70 -10.42
N TYR B 49 14.81 7.76 -9.08
CA TYR B 49 16.05 8.00 -8.29
C TYR B 49 16.70 6.66 -7.86
N GLN B 50 16.21 5.55 -8.41
N GLN B 50 16.22 5.54 -8.40
CA GLN B 50 16.83 4.19 -8.30
CA GLN B 50 16.84 4.19 -8.30
C GLN B 50 16.90 3.76 -6.83
C GLN B 50 16.91 3.76 -6.83
N TYR B 51 15.74 3.70 -6.17
CA TYR B 51 15.58 3.19 -4.78
C TYR B 51 14.90 1.81 -4.83
N GLN B 52 15.36 0.87 -4.01
CA GLN B 52 14.60 -0.35 -3.67
C GLN B 52 13.48 0.04 -2.70
N GLU B 53 12.39 -0.72 -2.67
CA GLU B 53 11.32 -0.57 -1.65
C GLU B 53 11.16 -1.87 -0.88
N VAL B 54 11.21 -1.78 0.46
CA VAL B 54 11.14 -2.93 1.39
C VAL B 54 10.00 -2.70 2.39
N LYS B 55 9.71 -3.70 3.22
CA LYS B 55 8.77 -3.61 4.36
C LYS B 55 9.39 -4.36 5.54
N GLY B 56 9.53 -3.68 6.68
CA GLY B 56 10.12 -4.25 7.91
C GLY B 56 9.05 -4.63 8.91
N PRO B 57 9.39 -5.47 9.91
CA PRO B 57 8.45 -5.85 10.97
C PRO B 57 8.00 -4.65 11.81
N PHE B 58 6.79 -4.76 12.36
CA PHE B 58 6.13 -3.73 13.20
C PHE B 58 6.86 -3.59 14.55
N MET B 59 7.47 -4.68 15.04
CA MET B 59 8.15 -4.69 16.35
C MET B 59 9.43 -5.53 16.29
N MET B 60 10.42 -5.18 17.11
CA MET B 60 11.72 -5.88 17.23
C MET B 60 12.18 -5.85 18.69
N ASP B 61 13.03 -6.81 19.05
CA ASP B 61 13.51 -7.04 20.43
C ASP B 61 14.16 -5.76 20.96
N ARG B 62 13.85 -5.40 22.22
CA ARG B 62 14.49 -4.28 22.96
C ARG B 62 16.02 -4.44 22.91
N VAL B 63 16.50 -5.68 22.93
CA VAL B 63 17.97 -6.02 22.88
C VAL B 63 18.60 -5.30 21.69
N LEU B 64 17.97 -5.34 20.51
CA LEU B 64 18.49 -4.70 19.28
C LEU B 64 18.42 -3.18 19.41
N TRP B 65 17.33 -2.64 19.96
CA TRP B 65 17.12 -1.18 20.17
C TRP B 65 18.11 -0.65 21.21
N GLU B 66 18.58 -1.50 22.12
CA GLU B 66 19.65 -1.16 23.10
C GLU B 66 20.98 -0.98 22.34
N LYS B 67 21.26 -1.82 21.35
CA LYS B 67 22.49 -1.76 20.51
C LYS B 67 22.56 -0.42 19.75
N THR B 68 21.42 0.12 19.32
CA THR B 68 21.34 1.39 18.54
C THR B 68 21.72 2.58 19.43
N GLY B 69 21.43 2.48 20.74
CA GLY B 69 21.65 3.55 21.73
C GLY B 69 20.38 4.33 22.00
N HIS B 70 19.34 4.12 21.19
CA HIS B 70 18.03 4.85 21.25
C HIS B 70 17.33 4.55 22.59
N TRP B 71 17.46 3.33 23.11
CA TRP B 71 16.77 2.89 24.36
C TRP B 71 17.12 3.85 25.50
N ASP B 72 18.40 4.04 25.77
CA ASP B 72 18.92 4.90 26.88
C ASP B 72 18.31 6.31 26.77
N ASN B 73 18.19 6.84 25.54
CA ASN B 73 17.84 8.27 25.27
C ASN B 73 16.32 8.46 25.12
N TYR B 74 15.61 7.48 24.56
CA TYR B 74 14.20 7.66 24.06
C TYR B 74 13.27 6.53 24.51
N LYS B 75 13.62 5.76 25.55
CA LYS B 75 12.79 4.62 26.03
C LYS B 75 11.39 5.10 26.41
N ASP B 76 11.27 6.33 26.93
CA ASP B 76 9.99 6.92 27.42
C ASP B 76 9.08 7.27 26.22
N ALA B 77 9.66 7.50 25.04
CA ALA B 77 8.93 7.88 23.79
C ALA B 77 8.64 6.62 22.95
N MET B 78 8.95 5.43 23.46
CA MET B 78 8.74 4.13 22.76
C MET B 78 7.55 3.40 23.37
N PHE B 79 6.69 2.84 22.52
CA PHE B 79 5.68 1.81 22.90
C PHE B 79 6.40 0.46 23.00
N THR B 80 6.21 -0.28 24.10
CA THR B 80 6.79 -1.62 24.33
C THR B 80 5.66 -2.64 24.57
N THR B 81 5.88 -3.87 24.10
CA THR B 81 5.00 -5.04 24.34
C THR B 81 5.89 -6.25 24.65
N SER B 82 5.32 -7.28 25.29
CA SER B 82 6.07 -8.47 25.77
C SER B 82 5.46 -9.76 25.21
N SER B 83 6.29 -10.79 25.07
CA SER B 83 5.90 -12.16 24.68
C SER B 83 6.99 -13.15 25.12
N GLU B 84 6.62 -14.17 25.91
CA GLU B 84 7.51 -15.28 26.35
C GLU B 84 8.73 -14.69 27.06
N ASN B 85 8.52 -13.74 27.98
CA ASN B 85 9.56 -13.13 28.85
C ASN B 85 10.56 -12.31 28.01
N ARG B 86 10.16 -11.87 26.81
CA ARG B 86 11.00 -11.04 25.91
C ARG B 86 10.25 -9.73 25.62
N GLU B 87 10.93 -8.59 25.78
CA GLU B 87 10.35 -7.24 25.56
C GLU B 87 10.63 -6.80 24.12
N TYR B 88 9.61 -6.25 23.46
CA TYR B 88 9.67 -5.76 22.05
C TYR B 88 9.24 -4.30 22.00
N CYS B 89 9.93 -3.50 21.19
CA CYS B 89 9.60 -2.09 20.89
C CYS B 89 8.80 -2.03 19.58
N ILE B 90 7.62 -1.41 19.60
CA ILE B 90 6.88 -1.00 18.36
C ILE B 90 7.75 0.07 17.69
N LYS B 91 8.19 -0.17 16.45
CA LYS B 91 9.28 0.63 15.83
C LYS B 91 8.89 2.11 15.80
N PRO B 92 9.71 3.00 16.41
CA PRO B 92 9.55 4.45 16.25
C PRO B 92 10.31 5.01 15.03
N MET B 93 11.21 4.20 14.46
CA MET B 93 12.03 4.53 13.27
C MET B 93 12.32 3.24 12.49
N ASN B 94 12.69 3.37 11.21
CA ASN B 94 12.83 2.23 10.26
C ASN B 94 14.30 1.87 10.03
N CYS B 95 15.25 2.68 10.50
CA CYS B 95 16.71 2.53 10.21
C CYS B 95 17.21 1.15 10.66
N PRO B 96 17.02 0.71 11.93
CA PRO B 96 17.53 -0.59 12.37
C PRO B 96 17.04 -1.77 11.51
N GLY B 97 15.76 -1.76 11.10
CA GLY B 97 15.15 -2.78 10.22
C GLY B 97 15.82 -2.82 8.85
N HIS B 98 16.14 -1.65 8.29
CA HIS B 98 16.85 -1.52 6.98
C HIS B 98 18.24 -2.14 7.09
N VAL B 99 18.91 -1.93 8.22
CA VAL B 99 20.25 -2.53 8.49
C VAL B 99 20.10 -4.06 8.51
N GLN B 100 19.05 -4.57 9.18
CA GLN B 100 18.77 -6.03 9.29
C GLN B 100 18.66 -6.65 7.90
N ILE B 101 18.02 -5.95 6.94
CA ILE B 101 17.85 -6.44 5.54
C ILE B 101 19.21 -6.33 4.83
N PHE B 102 19.91 -5.22 5.00
CA PHE B 102 21.27 -5.00 4.44
C PHE B 102 22.21 -6.13 4.89
N ASN B 103 22.16 -6.49 6.18
CA ASN B 103 23.05 -7.50 6.81
C ASN B 103 22.76 -8.91 6.27
N GLN B 104 21.60 -9.11 5.63
CA GLN B 104 21.24 -10.40 4.98
C GLN B 104 21.91 -10.46 3.61
N GLY B 105 22.82 -11.42 3.42
CA GLY B 105 23.54 -11.62 2.16
C GLY B 105 24.85 -10.84 2.12
N LEU B 106 25.88 -11.42 1.50
CA LEU B 106 27.22 -10.82 1.33
C LEU B 106 27.08 -9.54 0.48
N LYS B 107 27.54 -8.40 1.01
CA LYS B 107 27.55 -7.10 0.30
C LYS B 107 28.98 -6.76 -0.12
N SER B 108 29.15 -6.25 -1.34
CA SER B 108 30.44 -5.75 -1.88
C SER B 108 30.29 -4.26 -2.25
N TYR B 109 31.41 -3.59 -2.51
CA TYR B 109 31.50 -2.18 -2.98
C TYR B 109 30.61 -1.98 -4.22
N ARG B 110 30.46 -3.03 -5.05
CA ARG B 110 29.64 -3.01 -6.30
C ARG B 110 28.15 -2.85 -5.99
N ASP B 111 27.71 -3.23 -4.79
CA ASP B 111 26.28 -3.12 -4.34
C ASP B 111 25.99 -1.70 -3.85
N LEU B 112 27.02 -0.87 -3.68
CA LEU B 112 26.90 0.53 -3.16
C LEU B 112 26.97 1.52 -4.33
N PRO B 113 26.22 2.64 -4.30
CA PRO B 113 25.25 2.91 -3.23
C PRO B 113 24.01 1.99 -3.27
N LEU B 114 23.56 1.53 -2.11
CA LEU B 114 22.31 0.75 -1.95
C LEU B 114 21.26 1.64 -1.29
N ARG B 115 20.24 2.06 -2.05
CA ARG B 115 19.18 3.00 -1.61
C ARG B 115 17.92 2.19 -1.28
N MET B 116 17.54 2.15 0.00
CA MET B 116 16.47 1.28 0.54
C MET B 116 15.34 2.15 1.11
N ALA B 117 14.19 2.18 0.41
CA ALA B 117 13.01 3.01 0.76
C ALA B 117 11.94 2.15 1.45
N GLU B 118 11.14 2.78 2.31
CA GLU B 118 9.96 2.15 2.97
C GLU B 118 8.95 3.25 3.35
N PHE B 119 7.66 2.98 3.11
CA PHE B 119 6.54 3.70 3.76
C PHE B 119 6.43 3.11 5.17
N GLY B 120 7.22 3.66 6.09
CA GLY B 120 7.50 3.06 7.41
C GLY B 120 6.51 3.48 8.46
N SER B 121 5.71 2.53 8.96
CA SER B 121 4.79 2.71 10.11
C SER B 121 5.63 2.95 11.37
N CYS B 122 5.59 4.18 11.89
CA CYS B 122 6.31 4.61 13.12
C CYS B 122 5.31 4.93 14.22
N HIS B 123 5.64 4.57 15.47
CA HIS B 123 4.84 4.90 16.68
C HIS B 123 5.73 5.59 17.71
N ARG B 124 5.28 6.73 18.23
CA ARG B 124 5.96 7.52 19.27
C ARG B 124 4.98 7.72 20.44
N ASN B 125 5.39 7.37 21.66
CA ASN B 125 4.58 7.58 22.88
C ASN B 125 4.67 9.05 23.27
N GLU B 126 4.05 9.92 22.47
CA GLU B 126 4.03 11.40 22.67
C GLU B 126 3.00 11.73 23.75
N PRO B 127 3.20 12.78 24.56
CA PRO B 127 2.19 13.21 25.53
C PRO B 127 0.86 13.46 24.82
N SER B 128 -0.23 12.86 25.33
CA SER B 128 -1.59 12.90 24.75
C SER B 128 -2.10 14.34 24.69
N GLY B 129 -1.71 15.19 25.65
CA GLY B 129 -2.11 16.60 25.76
C GLY B 129 -1.54 17.46 24.63
N ALA B 130 -0.42 17.03 24.03
CA ALA B 130 0.33 17.79 22.99
C ALA B 130 -0.18 17.45 21.59
N LEU B 131 -0.93 16.34 21.43
CA LEU B 131 -1.45 15.86 20.12
C LEU B 131 -2.44 16.90 19.55
N HIS B 132 -2.47 17.06 18.23
CA HIS B 132 -3.48 17.90 17.53
C HIS B 132 -3.58 17.51 16.05
N GLY B 133 -4.81 17.23 15.59
CA GLY B 133 -5.16 16.93 14.18
C GLY B 133 -4.28 15.84 13.59
N LEU B 134 -3.85 16.03 12.34
CA LEU B 134 -2.88 15.15 11.61
C LEU B 134 -1.45 15.66 11.82
N MET B 135 -1.27 16.79 12.52
CA MET B 135 0.01 17.53 12.59
C MET B 135 0.92 16.95 13.67
N ARG B 136 0.41 16.69 14.88
CA ARG B 136 1.14 16.00 15.97
C ARG B 136 0.36 14.74 16.36
N VAL B 137 0.91 13.56 16.05
CA VAL B 137 0.22 12.24 16.15
C VAL B 137 1.14 11.25 16.89
N ARG B 138 0.59 10.08 17.25
CA ARG B 138 1.34 8.95 17.88
C ARG B 138 1.74 7.95 16.80
N GLY B 139 0.85 7.71 15.82
CA GLY B 139 1.07 6.78 14.70
C GLY B 139 1.13 7.53 13.37
N PHE B 140 2.26 7.43 12.67
CA PHE B 140 2.47 8.09 11.35
C PHE B 140 3.21 7.13 10.41
N THR B 141 3.22 7.50 9.12
CA THR B 141 3.87 6.76 8.02
C THR B 141 4.94 7.67 7.42
N GLN B 142 6.20 7.23 7.47
CA GLN B 142 7.36 8.02 6.99
C GLN B 142 7.69 7.61 5.56
N ASP B 143 7.83 8.59 4.65
CA ASP B 143 8.41 8.37 3.30
C ASP B 143 9.92 8.23 3.50
N ASP B 144 10.34 7.15 4.15
CA ASP B 144 11.71 6.96 4.68
C ASP B 144 12.57 6.25 3.64
N ALA B 145 13.87 6.45 3.73
CA ALA B 145 14.89 5.69 2.97
C ALA B 145 16.22 5.80 3.71
N HIS B 146 17.06 4.78 3.57
CA HIS B 146 18.45 4.80 4.06
C HIS B 146 19.36 4.40 2.90
N ILE B 147 20.35 5.24 2.61
CA ILE B 147 21.37 4.94 1.56
C ILE B 147 22.63 4.44 2.28
N PHE B 148 23.05 3.23 1.93
CA PHE B 148 24.34 2.65 2.35
C PHE B 148 25.35 2.96 1.24
N CYS B 149 26.40 3.74 1.55
CA CYS B 149 27.39 4.21 0.55
C CYS B 149 28.79 4.31 1.16
N THR B 150 29.80 4.48 0.32
CA THR B 150 31.21 4.74 0.70
C THR B 150 31.35 6.23 1.04
N GLU B 151 32.44 6.58 1.72
CA GLU B 151 32.82 7.98 2.04
C GLU B 151 32.82 8.82 0.75
N GLU B 152 33.36 8.26 -0.33
CA GLU B 152 33.56 8.93 -1.65
C GLU B 152 32.19 9.23 -2.29
N GLN B 153 31.19 8.39 -2.02
CA GLN B 153 29.85 8.43 -2.68
C GLN B 153 28.92 9.44 -1.97
N ILE B 154 29.28 9.90 -0.76
CA ILE B 154 28.39 10.74 0.10
C ILE B 154 27.91 11.97 -0.69
N ARG B 155 28.84 12.74 -1.26
CA ARG B 155 28.54 14.05 -1.91
C ARG B 155 27.52 13.85 -3.05
N ASP B 156 27.74 12.87 -3.92
CA ASP B 156 26.85 12.56 -5.08
C ASP B 156 25.46 12.15 -4.57
N GLU B 157 25.39 11.35 -3.51
CA GLU B 157 24.12 10.84 -2.94
C GLU B 157 23.34 11.98 -2.26
N VAL B 158 24.03 12.89 -1.58
CA VAL B 158 23.42 14.10 -0.95
C VAL B 158 22.85 14.97 -2.08
N ASN B 159 23.59 15.11 -3.18
CA ASN B 159 23.20 15.89 -4.38
C ASN B 159 21.86 15.37 -4.92
N ALA B 160 21.75 14.06 -5.12
CA ALA B 160 20.54 13.38 -5.65
C ALA B 160 19.37 13.56 -4.67
N CYS B 161 19.63 13.41 -3.36
CA CYS B 161 18.63 13.64 -2.28
C CYS B 161 18.06 15.06 -2.40
N ILE B 162 18.92 16.06 -2.56
CA ILE B 162 18.51 17.50 -2.67
C ILE B 162 17.59 17.66 -3.89
N ARG B 163 17.98 17.12 -5.04
CA ARG B 163 17.18 17.22 -6.30
C ARG B 163 15.81 16.58 -6.08
N MET B 164 15.77 15.43 -5.40
CA MET B 164 14.53 14.68 -5.10
C MET B 164 13.61 15.52 -4.21
N VAL B 165 14.18 16.20 -3.20
CA VAL B 165 13.44 17.06 -2.22
C VAL B 165 12.67 18.15 -2.99
N TYR B 166 13.36 18.93 -3.84
CA TYR B 166 12.79 20.09 -4.56
C TYR B 166 11.84 19.60 -5.66
N ASP B 167 12.20 18.50 -6.32
CA ASP B 167 11.35 17.79 -7.32
C ASP B 167 9.96 17.56 -6.69
N MET B 168 9.91 16.97 -5.50
CA MET B 168 8.65 16.58 -4.81
C MET B 168 7.91 17.83 -4.30
N TYR B 169 8.60 18.76 -3.62
CA TYR B 169 7.97 19.99 -3.05
C TYR B 169 7.35 20.82 -4.17
N SER B 170 8.01 20.92 -5.33
CA SER B 170 7.56 21.73 -6.50
C SER B 170 6.25 21.14 -7.08
N THR B 171 6.08 19.83 -7.05
CA THR B 171 4.85 19.13 -7.52
C THR B 171 3.60 19.72 -6.83
N PHE B 172 3.72 20.09 -5.55
CA PHE B 172 2.59 20.56 -4.70
C PHE B 172 2.55 22.09 -4.64
N GLY B 173 3.45 22.77 -5.36
CA GLY B 173 3.47 24.24 -5.49
C GLY B 173 4.18 24.92 -4.32
N PHE B 174 5.04 24.18 -3.59
CA PHE B 174 5.85 24.71 -2.46
C PHE B 174 7.23 25.11 -2.99
N GLU B 175 7.44 26.42 -3.18
CA GLU B 175 8.68 27.01 -3.74
C GLU B 175 9.48 27.76 -2.66
N LYS B 176 8.82 28.14 -1.55
CA LYS B 176 9.51 28.80 -0.40
C LYS B 176 10.01 27.72 0.55
N ILE B 177 11.28 27.33 0.41
CA ILE B 177 11.98 26.32 1.25
C ILE B 177 13.13 27.01 1.99
N VAL B 178 13.16 26.89 3.32
CA VAL B 178 14.29 27.35 4.18
C VAL B 178 15.15 26.13 4.52
N VAL B 179 16.47 26.27 4.43
CA VAL B 179 17.45 25.15 4.56
C VAL B 179 18.45 25.48 5.67
N LYS B 180 18.69 24.50 6.56
CA LYS B 180 19.59 24.63 7.74
C LYS B 180 20.59 23.47 7.74
N LEU B 181 21.89 23.77 7.74
CA LEU B 181 22.99 22.77 7.88
C LEU B 181 23.52 22.82 9.32
N SER B 182 23.33 21.72 10.06
CA SER B 182 23.72 21.59 11.49
C SER B 182 25.07 20.85 11.59
N THR B 183 26.07 21.50 12.20
CA THR B 183 27.50 21.08 12.22
C THR B 183 27.83 20.39 13.56
N ARG B 184 29.06 19.88 13.68
CA ARG B 184 29.55 19.02 14.79
C ARG B 184 29.14 19.57 16.14
N PRO B 185 28.55 18.74 17.05
CA PRO B 185 28.37 19.13 18.45
C PRO B 185 29.65 18.87 19.25
N ASP B 186 29.63 19.13 20.56
CA ASP B 186 30.81 18.95 21.45
C ASP B 186 31.12 17.45 21.59
N LYS B 187 30.15 16.66 22.04
CA LYS B 187 30.25 15.19 22.14
C LYS B 187 29.86 14.59 20.79
N ARG B 188 30.82 14.01 20.08
CA ARG B 188 30.63 13.44 18.72
C ARG B 188 31.56 12.24 18.55
N ILE B 189 31.28 11.39 17.55
CA ILE B 189 32.12 10.22 17.18
C ILE B 189 33.05 10.64 16.02
N GLY B 190 34.15 9.91 15.83
CA GLY B 190 35.00 10.06 14.64
C GLY B 190 35.98 11.21 14.76
N SER B 191 36.83 11.37 13.73
CA SER B 191 37.92 12.38 13.67
C SER B 191 37.34 13.75 13.35
N ASP B 192 38.07 14.82 13.70
CA ASP B 192 37.79 16.20 13.24
C ASP B 192 37.84 16.21 11.70
N GLU B 193 38.72 15.39 11.10
CA GLU B 193 38.90 15.26 9.64
C GLU B 193 37.64 14.67 8.98
N MET B 194 37.05 13.62 9.57
CA MET B 194 35.82 12.96 9.07
C MET B 194 34.66 13.98 9.07
N TRP B 195 34.52 14.74 10.16
CA TRP B 195 33.51 15.85 10.28
C TRP B 195 33.79 16.95 9.26
N ASP B 196 35.07 17.27 9.02
CA ASP B 196 35.50 18.28 8.02
C ASP B 196 34.94 17.90 6.65
N ARG B 197 35.16 16.65 6.24
CA ARG B 197 34.74 16.10 4.93
C ARG B 197 33.20 16.00 4.87
N ALA B 198 32.57 15.52 5.94
CA ALA B 198 31.10 15.30 6.03
C ALA B 198 30.35 16.63 5.92
N GLU B 199 30.78 17.64 6.69
CA GLU B 199 30.17 18.99 6.69
C GLU B 199 30.34 19.61 5.30
N ALA B 200 31.53 19.46 4.69
CA ALA B 200 31.88 20.00 3.35
C ALA B 200 30.98 19.37 2.28
N ASP B 201 30.74 18.05 2.37
CA ASP B 201 29.90 17.29 1.42
C ASP B 201 28.48 17.88 1.41
N LEU B 202 27.92 18.13 2.59
CA LEU B 202 26.57 18.75 2.74
C LEU B 202 26.59 20.18 2.19
N ALA B 203 27.60 20.97 2.55
CA ALA B 203 27.73 22.40 2.18
C ALA B 203 27.91 22.53 0.67
N VAL B 204 28.84 21.77 0.09
CA VAL B 204 29.22 21.83 -1.36
C VAL B 204 28.04 21.36 -2.21
N ALA B 205 27.35 20.28 -1.79
CA ALA B 205 26.14 19.76 -2.44
C ALA B 205 25.10 20.89 -2.54
N LEU B 206 24.86 21.62 -1.45
CA LEU B 206 23.89 22.74 -1.41
C LEU B 206 24.37 23.90 -2.29
N GLU B 207 25.65 24.29 -2.17
CA GLU B 207 26.26 25.43 -2.92
C GLU B 207 26.17 25.16 -4.43
N GLU B 208 26.51 23.95 -4.87
CA GLU B 208 26.51 23.54 -6.30
C GLU B 208 25.07 23.55 -6.86
N ASN B 209 24.07 23.30 -6.01
CA ASN B 209 22.63 23.37 -6.36
C ASN B 209 22.11 24.80 -6.19
N ASN B 210 22.98 25.75 -5.81
CA ASN B 210 22.64 27.18 -5.60
C ASN B 210 21.46 27.29 -4.64
N ILE B 211 21.49 26.48 -3.56
CA ILE B 211 20.50 26.50 -2.45
C ILE B 211 21.07 27.38 -1.33
N PRO B 212 20.52 28.60 -1.11
CA PRO B 212 20.91 29.40 0.06
C PRO B 212 20.52 28.63 1.32
N PHE B 213 21.43 28.51 2.29
CA PHE B 213 21.20 27.84 3.59
C PHE B 213 21.91 28.64 4.68
N GLU B 214 21.46 28.44 5.92
CA GLU B 214 22.10 29.02 7.12
C GLU B 214 22.64 27.87 7.97
N TYR B 215 23.83 28.05 8.55
CA TYR B 215 24.46 27.05 9.45
C TYR B 215 23.76 27.12 10.80
N GLN B 216 23.55 25.94 11.41
CA GLN B 216 23.12 25.81 12.82
C GLN B 216 24.32 25.25 13.58
N LEU B 217 25.30 26.12 13.85
CA LEU B 217 26.65 25.74 14.35
C LEU B 217 26.52 25.03 15.69
N GLY B 218 27.01 23.79 15.78
CA GLY B 218 27.07 23.01 17.02
C GLY B 218 25.80 22.22 17.30
N GLU B 219 24.79 22.27 16.42
CA GLU B 219 23.45 21.68 16.67
C GLU B 219 23.31 20.32 15.96
N GLY B 220 24.37 19.83 15.31
CA GLY B 220 24.39 18.53 14.63
C GLY B 220 24.28 17.39 15.62
N ALA B 221 23.99 16.18 15.13
CA ALA B 221 23.87 14.94 15.93
C ALA B 221 25.27 14.43 16.30
N PHE B 222 25.35 13.61 17.35
CA PHE B 222 26.57 12.90 17.81
C PHE B 222 27.21 12.13 16.63
N TYR B 223 26.38 11.57 15.76
CA TYR B 223 26.77 10.53 14.75
C TYR B 223 26.94 11.14 13.35
N GLY B 224 26.72 12.45 13.19
CA GLY B 224 27.00 13.16 11.92
C GLY B 224 26.20 14.43 11.75
N PRO B 225 26.55 15.27 10.74
CA PRO B 225 25.81 16.50 10.45
C PRO B 225 24.56 16.22 9.61
N LYS B 226 23.73 17.25 9.39
CA LYS B 226 22.41 17.11 8.72
C LYS B 226 22.03 18.40 8.00
N ILE B 227 21.22 18.25 6.94
CA ILE B 227 20.45 19.34 6.27
C ILE B 227 18.98 19.14 6.62
N GLU B 228 18.28 20.22 7.00
CA GLU B 228 16.80 20.20 7.26
C GLU B 228 16.13 21.20 6.33
N PHE B 229 15.00 20.78 5.73
CA PHE B 229 14.20 21.56 4.75
C PHE B 229 12.84 21.89 5.37
N THR B 230 12.56 23.19 5.55
CA THR B 230 11.29 23.74 6.06
C THR B 230 10.54 24.40 4.90
N LEU B 231 9.38 23.86 4.50
CA LEU B 231 8.52 24.45 3.44
C LEU B 231 7.46 25.35 4.10
N TYR B 232 6.99 26.35 3.35
CA TYR B 232 5.99 27.35 3.78
C TYR B 232 4.73 27.22 2.91
N ASP B 233 3.57 27.13 3.55
CA ASP B 233 2.25 27.03 2.87
C ASP B 233 1.80 28.45 2.46
N CYS B 234 0.62 28.57 1.85
CA CYS B 234 0.07 29.85 1.30
C CYS B 234 -0.30 30.82 2.44
N LEU B 235 -0.39 30.34 3.68
CA LEU B 235 -0.56 31.18 4.90
C LEU B 235 0.80 31.57 5.49
N ASP B 236 1.90 31.23 4.80
CA ASP B 236 3.30 31.54 5.20
C ASP B 236 3.62 30.87 6.55
N ARG B 237 3.01 29.71 6.84
CA ARG B 237 3.31 28.88 8.03
C ARG B 237 4.45 27.92 7.69
N ALA B 238 5.44 27.78 8.58
CA ALA B 238 6.64 26.94 8.41
C ALA B 238 6.31 25.49 8.79
N TRP B 239 6.70 24.54 7.92
CA TRP B 239 6.58 23.07 8.14
C TRP B 239 7.94 22.41 7.86
N GLN B 240 8.65 21.95 8.89
CA GLN B 240 9.90 21.16 8.71
C GLN B 240 9.49 19.74 8.33
N CYS B 241 9.81 19.32 7.10
CA CYS B 241 9.35 18.03 6.52
C CYS B 241 10.55 17.16 6.14
N GLY B 242 11.54 17.73 5.45
CA GLY B 242 12.67 16.98 4.85
C GLY B 242 13.91 17.02 5.71
N THR B 243 14.62 15.89 5.79
CA THR B 243 15.92 15.77 6.51
C THR B 243 16.86 14.90 5.67
N VAL B 244 18.12 15.29 5.57
CA VAL B 244 19.25 14.45 5.07
C VAL B 244 20.26 14.38 6.22
N GLN B 245 20.37 13.22 6.87
CA GLN B 245 21.20 13.05 8.09
C GLN B 245 22.28 12.00 7.81
N LEU B 246 23.55 12.40 7.88
CA LEU B 246 24.71 11.47 7.79
C LEU B 246 24.87 10.76 9.14
N ASP B 247 25.20 9.47 9.10
CA ASP B 247 25.31 8.60 10.30
C ASP B 247 26.55 7.70 10.14
N PHE B 248 27.59 7.98 10.93
CA PHE B 248 28.87 7.23 10.96
C PHE B 248 28.90 6.32 12.20
N SER B 249 27.74 6.06 12.81
CA SER B 249 27.60 5.35 14.12
C SER B 249 26.80 4.05 13.95
N LEU B 250 25.56 4.13 13.46
CA LEU B 250 24.56 3.02 13.51
C LEU B 250 25.06 1.80 12.73
N PRO B 251 25.64 1.95 11.52
CA PRO B 251 26.13 0.78 10.77
C PRO B 251 27.15 -0.05 11.57
N SER B 252 28.09 0.61 12.26
CA SER B 252 29.09 -0.02 13.16
C SER B 252 28.39 -0.70 14.33
N ARG B 253 27.44 0.01 14.96
CA ARG B 253 26.66 -0.44 16.15
C ARG B 253 25.90 -1.74 15.83
N LEU B 254 25.38 -1.86 14.60
CA LEU B 254 24.52 -3.00 14.17
C LEU B 254 25.29 -3.93 13.21
N SER B 255 26.63 -3.86 13.21
CA SER B 255 27.53 -4.81 12.53
C SER B 255 27.26 -4.84 11.02
N ALA B 256 27.06 -3.67 10.41
CA ALA B 256 26.93 -3.50 8.95
C ALA B 256 28.34 -3.40 8.34
N SER B 257 28.61 -4.21 7.32
CA SER B 257 29.91 -4.25 6.60
C SER B 257 29.71 -4.69 5.15
N TYR B 258 30.64 -4.30 4.27
CA TYR B 258 30.72 -4.73 2.85
C TYR B 258 32.18 -5.06 2.52
N VAL B 259 32.39 -5.90 1.50
CA VAL B 259 33.74 -6.28 0.98
C VAL B 259 34.20 -5.17 0.02
N GLY B 260 35.21 -4.41 0.43
CA GLY B 260 35.82 -3.33 -0.39
C GLY B 260 36.49 -3.88 -1.64
N GLU B 261 37.03 -2.98 -2.48
CA GLU B 261 37.77 -3.33 -3.72
C GLU B 261 39.07 -4.05 -3.36
N ASP B 262 39.59 -3.81 -2.15
CA ASP B 262 40.83 -4.42 -1.60
C ASP B 262 40.53 -5.78 -0.96
N ASN B 263 39.26 -6.22 -0.98
CA ASN B 263 38.78 -7.52 -0.44
C ASN B 263 38.86 -7.51 1.09
N GLU B 264 38.95 -6.34 1.71
CA GLU B 264 38.92 -6.15 3.19
C GLU B 264 37.54 -5.62 3.58
N ARG B 265 37.03 -6.03 4.76
CA ARG B 265 35.69 -5.64 5.29
C ARG B 265 35.71 -4.15 5.67
N LYS B 266 34.71 -3.39 5.22
CA LYS B 266 34.55 -1.94 5.49
C LYS B 266 33.13 -1.65 5.98
N VAL B 267 32.99 -0.73 6.95
CA VAL B 267 31.68 -0.24 7.47
C VAL B 267 31.13 0.78 6.46
N PRO B 268 29.88 0.62 5.98
CA PRO B 268 29.28 1.60 5.08
C PRO B 268 28.84 2.86 5.83
N VAL B 269 28.85 4.00 5.14
CA VAL B 269 28.22 5.27 5.62
C VAL B 269 26.71 5.12 5.40
N MET B 270 25.91 5.58 6.36
CA MET B 270 24.42 5.60 6.24
C MET B 270 23.97 7.04 6.05
N ILE B 271 23.07 7.28 5.09
CA ILE B 271 22.31 8.54 4.94
C ILE B 271 20.84 8.24 5.26
N HIS B 272 20.31 8.85 6.32
CA HIS B 272 18.86 8.91 6.63
C HIS B 272 18.25 10.05 5.81
N ARG B 273 17.15 9.80 5.09
CA ARG B 273 16.42 10.88 4.37
C ARG B 273 14.92 10.57 4.31
N ALA B 274 14.12 11.57 4.68
CA ALA B 274 12.67 11.67 4.43
C ALA B 274 12.42 13.06 3.80
N ILE B 275 11.39 13.18 2.97
CA ILE B 275 11.10 14.42 2.19
C ILE B 275 9.77 15.00 2.65
N LEU B 276 8.70 14.21 2.59
CA LEU B 276 7.36 14.62 3.11
C LEU B 276 7.40 14.61 4.64
N GLY B 277 8.19 13.70 5.23
CA GLY B 277 8.29 13.50 6.69
C GLY B 277 7.23 12.53 7.16
N SER B 278 6.14 13.04 7.73
CA SER B 278 4.90 12.26 8.05
C SER B 278 3.91 12.41 6.89
N MET B 279 3.54 11.30 6.25
CA MET B 279 2.56 11.27 5.13
C MET B 279 1.24 11.87 5.61
N GLU B 280 0.82 11.50 6.83
CA GLU B 280 -0.43 11.98 7.48
C GLU B 280 -0.39 13.49 7.62
N ARG B 281 0.71 14.02 8.17
CA ARG B 281 0.95 15.47 8.38
C ARG B 281 0.94 16.20 7.03
N PHE B 282 1.62 15.63 6.03
CA PHE B 282 1.74 16.22 4.67
C PHE B 282 0.34 16.33 4.04
N ILE B 283 -0.49 15.30 4.20
CA ILE B 283 -1.91 15.31 3.72
C ILE B 283 -2.66 16.44 4.44
N GLY B 284 -2.45 16.59 5.74
CA GLY B 284 -3.01 17.70 6.54
C GLY B 284 -2.62 19.05 5.96
N ILE B 285 -1.33 19.23 5.67
CA ILE B 285 -0.74 20.47 5.08
C ILE B 285 -1.37 20.73 3.71
N LEU B 286 -1.49 19.69 2.88
CA LEU B 286 -2.07 19.78 1.51
C LEU B 286 -3.56 20.14 1.61
N THR B 287 -4.30 19.51 2.53
CA THR B 287 -5.76 19.74 2.76
C THR B 287 -5.99 21.23 3.03
N GLU B 288 -5.14 21.85 3.85
CA GLU B 288 -5.24 23.28 4.23
C GLU B 288 -4.79 24.15 3.04
N GLU B 289 -3.65 23.82 2.43
CA GLU B 289 -3.06 24.54 1.27
C GLU B 289 -4.12 24.73 0.18
N PHE B 290 -4.85 23.66 -0.17
CA PHE B 290 -5.86 23.64 -1.27
C PHE B 290 -7.26 23.92 -0.71
N ALA B 291 -7.42 23.92 0.62
CA ALA B 291 -8.72 24.05 1.32
C ALA B 291 -9.70 23.01 0.77
N GLY B 292 -9.22 21.77 0.56
CA GLY B 292 -10.03 20.63 0.11
C GLY B 292 -10.19 20.56 -1.40
N PHE B 293 -9.80 21.62 -2.13
CA PHE B 293 -9.82 21.68 -3.62
C PHE B 293 -8.54 21.03 -4.16
N PHE B 294 -8.41 19.72 -3.98
CA PHE B 294 -7.21 18.94 -4.35
C PHE B 294 -6.99 19.04 -5.85
N PRO B 295 -5.73 19.08 -6.34
CA PRO B 295 -5.44 18.94 -7.76
C PRO B 295 -6.08 17.64 -8.26
N THR B 296 -6.45 17.60 -9.54
CA THR B 296 -7.27 16.50 -10.14
C THR B 296 -6.65 15.14 -9.81
N TRP B 297 -5.32 15.01 -9.87
CA TRP B 297 -4.62 13.71 -9.66
C TRP B 297 -4.82 13.22 -8.21
N LEU B 298 -5.04 14.13 -7.25
CA LEU B 298 -5.24 13.79 -5.82
C LEU B 298 -6.72 13.68 -5.47
N ALA B 299 -7.63 14.24 -6.28
CA ALA B 299 -9.07 14.35 -5.97
C ALA B 299 -9.70 12.98 -5.79
N PRO B 300 -10.37 12.70 -4.64
CA PRO B 300 -11.00 11.39 -4.41
C PRO B 300 -11.90 10.96 -5.59
N VAL B 301 -12.78 11.87 -6.05
CA VAL B 301 -13.63 11.68 -7.25
C VAL B 301 -13.26 12.79 -8.23
N GLN B 302 -12.74 12.42 -9.40
CA GLN B 302 -12.15 13.39 -10.37
C GLN B 302 -13.26 13.95 -11.27
N VAL B 303 -14.25 13.14 -11.65
CA VAL B 303 -15.30 13.54 -12.63
C VAL B 303 -16.65 12.98 -12.17
N VAL B 304 -17.70 13.79 -12.25
CA VAL B 304 -19.12 13.30 -12.14
C VAL B 304 -19.81 13.62 -13.47
N VAL B 305 -20.39 12.59 -14.10
CA VAL B 305 -21.19 12.74 -15.36
C VAL B 305 -22.66 12.67 -14.96
N MET B 306 -23.47 13.60 -15.48
CA MET B 306 -24.91 13.69 -15.12
C MET B 306 -25.74 14.03 -16.37
N ASN B 307 -27.03 13.72 -16.29
CA ASN B 307 -28.03 13.90 -17.38
C ASN B 307 -28.91 15.11 -17.06
N ILE B 308 -29.58 15.66 -18.08
CA ILE B 308 -30.57 16.77 -17.93
C ILE B 308 -31.98 16.17 -17.83
N THR B 309 -32.26 15.12 -18.61
CA THR B 309 -33.48 14.28 -18.54
C THR B 309 -33.07 12.80 -18.58
N ASP B 310 -34.04 11.88 -18.52
CA ASP B 310 -33.82 10.41 -18.54
C ASP B 310 -33.45 9.94 -19.96
N SER B 311 -33.55 10.83 -20.96
CA SER B 311 -33.20 10.58 -22.38
C SER B 311 -31.70 10.30 -22.54
N GLN B 312 -30.85 10.98 -21.76
CA GLN B 312 -29.37 10.94 -21.90
C GLN B 312 -28.75 9.93 -20.92
N SER B 313 -29.55 9.17 -20.18
CA SER B 313 -29.10 8.29 -19.06
C SER B 313 -28.18 7.18 -19.58
N GLU B 314 -28.41 6.68 -20.80
CA GLU B 314 -27.62 5.58 -21.42
C GLU B 314 -26.29 6.15 -21.93
N TYR B 315 -26.33 7.35 -22.54
CA TYR B 315 -25.13 8.08 -23.04
C TYR B 315 -24.21 8.43 -21.87
N VAL B 316 -24.79 8.79 -20.72
CA VAL B 316 -24.05 9.13 -19.46
C VAL B 316 -23.32 7.88 -18.95
N ASN B 317 -24.04 6.75 -18.89
CA ASN B 317 -23.49 5.44 -18.45
C ASN B 317 -22.34 5.03 -19.37
N GLU B 318 -22.50 5.22 -20.69
CA GLU B 318 -21.48 4.92 -21.73
C GLU B 318 -20.24 5.78 -21.50
N LEU B 319 -20.43 7.10 -21.35
CA LEU B 319 -19.35 8.08 -21.11
C LEU B 319 -18.63 7.74 -19.80
N THR B 320 -19.40 7.40 -18.74
CA THR B 320 -18.89 7.02 -17.40
C THR B 320 -17.93 5.84 -17.54
N GLN B 321 -18.31 4.80 -18.29
CA GLN B 321 -17.48 3.58 -18.52
C GLN B 321 -16.20 3.97 -19.29
N LYS B 322 -16.33 4.81 -20.32
CA LYS B 322 -15.21 5.30 -21.16
C LYS B 322 -14.17 6.02 -20.29
N LEU B 323 -14.62 6.89 -19.38
CA LEU B 323 -13.76 7.66 -18.46
C LEU B 323 -13.06 6.69 -17.49
N GLN B 324 -13.78 5.71 -16.97
CA GLN B 324 -13.24 4.65 -16.07
C GLN B 324 -12.12 3.89 -16.80
N ASN B 325 -12.36 3.50 -18.06
CA ASN B 325 -11.38 2.76 -18.91
C ASN B 325 -10.14 3.63 -19.16
N ALA B 326 -10.30 4.97 -19.17
CA ALA B 326 -9.20 5.94 -19.35
C ALA B 326 -8.38 6.09 -18.06
N GLY B 327 -8.82 5.48 -16.97
CA GLY B 327 -8.10 5.45 -15.67
C GLY B 327 -8.49 6.61 -14.78
N ILE B 328 -9.70 7.14 -14.93
CA ILE B 328 -10.22 8.33 -14.19
C ILE B 328 -11.22 7.85 -13.14
N ARG B 329 -11.12 8.39 -11.92
CA ARG B 329 -12.08 8.12 -10.81
C ARG B 329 -13.36 8.91 -11.09
N VAL B 330 -14.39 8.21 -11.59
CA VAL B 330 -15.63 8.82 -12.16
C VAL B 330 -16.85 8.15 -11.54
N LYS B 331 -17.95 8.91 -11.41
CA LYS B 331 -19.28 8.43 -10.94
C LYS B 331 -20.36 9.02 -11.83
N ALA B 332 -21.45 8.28 -12.04
CA ALA B 332 -22.66 8.72 -12.76
C ALA B 332 -23.67 9.27 -11.74
N ASP B 333 -24.33 10.39 -12.06
CA ASP B 333 -25.44 10.98 -11.25
C ASP B 333 -26.67 11.10 -12.15
N LEU B 334 -27.49 10.05 -12.20
CA LEU B 334 -28.73 9.95 -13.01
C LEU B 334 -29.96 10.20 -12.13
N ARG B 335 -29.76 10.66 -10.88
CA ARG B 335 -30.86 10.93 -9.92
C ARG B 335 -31.87 11.90 -10.56
N ASN B 336 -33.15 11.79 -10.18
CA ASN B 336 -34.22 12.73 -10.60
C ASN B 336 -34.14 13.97 -9.70
N GLU B 337 -33.12 14.81 -9.93
CA GLU B 337 -32.88 16.09 -9.22
C GLU B 337 -32.54 17.16 -10.26
N LYS B 338 -32.86 18.43 -9.95
CA LYS B 338 -32.52 19.59 -10.82
C LYS B 338 -31.01 19.62 -11.07
N ILE B 339 -30.60 20.05 -12.26
CA ILE B 339 -29.16 20.16 -12.65
C ILE B 339 -28.44 21.07 -11.63
N GLY B 340 -29.11 22.13 -11.17
CA GLY B 340 -28.57 23.10 -10.19
C GLY B 340 -28.32 22.47 -8.82
N PHE B 341 -29.12 21.45 -8.47
CA PHE B 341 -28.99 20.67 -7.22
C PHE B 341 -27.77 19.75 -7.32
N LYS B 342 -27.68 18.99 -8.42
CA LYS B 342 -26.58 18.01 -8.67
C LYS B 342 -25.24 18.74 -8.66
N ILE B 343 -25.09 19.79 -9.47
CA ILE B 343 -23.82 20.55 -9.63
C ILE B 343 -23.40 21.13 -8.28
N ARG B 344 -24.36 21.54 -7.44
CA ARG B 344 -24.05 22.08 -6.09
C ARG B 344 -23.46 20.97 -5.20
N GLU B 345 -24.05 19.78 -5.20
CA GLU B 345 -23.57 18.64 -4.37
C GLU B 345 -22.12 18.32 -4.73
N HIS B 346 -21.79 18.27 -6.03
CA HIS B 346 -20.46 17.84 -6.54
C HIS B 346 -19.44 18.97 -6.36
N THR B 347 -19.88 20.23 -6.43
CA THR B 347 -19.03 21.42 -6.14
C THR B 347 -18.67 21.43 -4.65
N LEU B 348 -19.63 21.15 -3.77
CA LEU B 348 -19.42 21.08 -2.30
C LEU B 348 -18.41 19.97 -1.98
N ARG B 349 -18.47 18.84 -2.70
CA ARG B 349 -17.56 17.68 -2.53
C ARG B 349 -16.22 17.90 -3.24
N ARG B 350 -16.06 19.05 -3.93
CA ARG B 350 -14.80 19.51 -4.55
C ARG B 350 -14.41 18.60 -5.73
N VAL B 351 -15.39 18.09 -6.47
CA VAL B 351 -15.14 17.30 -7.72
C VAL B 351 -14.60 18.27 -8.76
N PRO B 352 -13.34 18.08 -9.23
CA PRO B 352 -12.74 18.97 -10.23
C PRO B 352 -13.63 19.27 -11.44
N TYR B 353 -14.23 18.24 -12.04
CA TYR B 353 -14.97 18.36 -13.32
C TYR B 353 -16.37 17.74 -13.23
N MET B 354 -17.37 18.52 -13.65
CA MET B 354 -18.78 18.07 -13.75
C MET B 354 -19.19 18.07 -15.22
N LEU B 355 -19.40 16.88 -15.78
CA LEU B 355 -19.71 16.64 -17.21
C LEU B 355 -21.23 16.47 -17.35
N VAL B 356 -21.87 17.36 -18.11
CA VAL B 356 -23.36 17.41 -18.26
C VAL B 356 -23.71 16.99 -19.69
N CYS B 357 -24.72 16.14 -19.83
CA CYS B 357 -25.17 15.54 -21.12
C CYS B 357 -26.64 15.92 -21.38
N GLY B 358 -26.86 16.92 -22.24
CA GLY B 358 -28.16 17.25 -22.83
C GLY B 358 -28.34 16.57 -24.17
N ASP B 359 -29.49 16.77 -24.83
CA ASP B 359 -29.83 16.13 -26.13
C ASP B 359 -28.82 16.60 -27.20
N LYS B 360 -28.43 17.88 -27.14
CA LYS B 360 -27.41 18.50 -28.04
C LYS B 360 -26.08 17.76 -27.91
N GLU B 361 -25.69 17.38 -26.69
CA GLU B 361 -24.42 16.69 -26.38
C GLU B 361 -24.46 15.26 -26.93
N VAL B 362 -25.55 14.53 -26.66
CA VAL B 362 -25.76 13.12 -27.11
C VAL B 362 -25.67 13.09 -28.65
N GLU B 363 -26.41 13.99 -29.32
CA GLU B 363 -26.54 14.06 -30.81
C GLU B 363 -25.17 14.32 -31.45
N ALA B 364 -24.36 15.20 -30.85
CA ALA B 364 -23.07 15.68 -31.40
C ALA B 364 -21.90 14.80 -30.95
N GLY B 365 -22.13 13.87 -30.02
CA GLY B 365 -21.06 13.08 -29.38
C GLY B 365 -20.13 13.96 -28.57
N LYS B 366 -20.70 14.94 -27.86
CA LYS B 366 -19.96 15.95 -27.05
C LYS B 366 -20.42 15.86 -25.59
N VAL B 367 -19.85 16.69 -24.73
CA VAL B 367 -20.21 16.81 -23.28
C VAL B 367 -19.92 18.25 -22.84
N ALA B 368 -20.82 18.85 -22.07
CA ALA B 368 -20.66 20.18 -21.45
C ALA B 368 -19.78 20.00 -20.19
N VAL B 369 -18.72 20.80 -20.07
CA VAL B 369 -17.70 20.66 -18.99
C VAL B 369 -17.74 21.91 -18.09
N ARG B 370 -18.07 21.72 -16.82
N ARG B 370 -18.06 21.72 -16.81
CA ARG B 370 -18.05 22.77 -15.76
CA ARG B 370 -18.06 22.76 -15.76
C ARG B 370 -16.96 22.42 -14.76
C ARG B 370 -16.97 22.42 -14.74
N THR B 371 -16.17 23.41 -14.34
CA THR B 371 -15.10 23.28 -13.31
C THR B 371 -15.74 23.60 -11.95
N ARG B 372 -15.15 23.08 -10.86
CA ARG B 372 -15.69 23.28 -9.48
C ARG B 372 -15.58 24.76 -9.09
N ARG B 373 -14.70 25.53 -9.73
CA ARG B 373 -14.58 27.01 -9.52
C ARG B 373 -15.79 27.72 -10.15
N GLY B 374 -16.47 27.08 -11.10
CA GLY B 374 -17.71 27.59 -11.73
C GLY B 374 -17.50 28.08 -13.15
N LYS B 375 -16.33 27.82 -13.75
CA LYS B 375 -16.02 28.18 -15.16
C LYS B 375 -16.71 27.17 -16.07
N ASP B 376 -17.52 27.64 -17.03
CA ASP B 376 -18.16 26.83 -18.09
C ASP B 376 -17.21 26.78 -19.29
N LEU B 377 -16.62 25.61 -19.58
CA LEU B 377 -15.66 25.41 -20.70
C LEU B 377 -16.42 25.05 -21.98
N GLY B 378 -17.75 24.93 -21.91
CA GLY B 378 -18.63 24.74 -23.08
C GLY B 378 -18.80 23.27 -23.43
N SER B 379 -19.48 22.99 -24.54
CA SER B 379 -19.73 21.62 -25.08
C SER B 379 -18.54 21.20 -25.96
N LEU B 380 -17.77 20.20 -25.51
CA LEU B 380 -16.50 19.76 -26.15
C LEU B 380 -16.59 18.29 -26.55
N ASP B 381 -15.79 17.89 -27.55
CA ASP B 381 -15.68 16.49 -28.06
C ASP B 381 -15.25 15.57 -26.91
N VAL B 382 -15.96 14.46 -26.73
CA VAL B 382 -15.76 13.48 -25.61
C VAL B 382 -14.29 13.04 -25.57
N ASN B 383 -13.72 12.67 -26.71
CA ASN B 383 -12.34 12.11 -26.82
C ASN B 383 -11.31 13.20 -26.54
N ASP B 384 -11.58 14.44 -26.98
CA ASP B 384 -10.73 15.62 -26.68
C ASP B 384 -10.68 15.87 -25.17
N VAL B 385 -11.85 15.75 -24.50
CA VAL B 385 -12.01 15.99 -23.04
C VAL B 385 -11.27 14.89 -22.26
N ILE B 386 -11.48 13.62 -22.62
CA ILE B 386 -10.84 12.45 -21.95
C ILE B 386 -9.32 12.63 -22.02
N GLU B 387 -8.78 12.98 -23.19
CA GLU B 387 -7.32 13.13 -23.43
C GLU B 387 -6.78 14.30 -22.60
N LYS B 388 -7.53 15.40 -22.51
CA LYS B 388 -7.17 16.61 -21.71
C LYS B 388 -7.11 16.22 -20.23
N LEU B 389 -8.10 15.45 -19.74
CA LEU B 389 -8.18 14.99 -18.32
C LEU B 389 -7.04 14.02 -18.02
N GLN B 390 -6.77 13.08 -18.93
CA GLN B 390 -5.64 12.11 -18.80
C GLN B 390 -4.32 12.87 -18.65
N GLN B 391 -4.07 13.87 -19.50
CA GLN B 391 -2.81 14.66 -19.48
C GLN B 391 -2.68 15.40 -18.14
N GLU B 392 -3.76 16.04 -17.68
CA GLU B 392 -3.79 16.80 -16.40
C GLU B 392 -3.42 15.86 -15.23
N ILE B 393 -3.97 14.64 -15.23
CA ILE B 393 -3.77 13.63 -14.14
C ILE B 393 -2.35 13.07 -14.21
N ARG B 394 -1.90 12.66 -15.41
CA ARG B 394 -0.57 12.00 -15.60
C ARG B 394 0.55 13.01 -15.36
N SER B 395 0.37 14.28 -15.72
CA SER B 395 1.35 15.37 -15.50
C SER B 395 1.30 15.84 -14.03
N ARG B 396 0.29 15.40 -13.27
CA ARG B 396 0.03 15.83 -11.87
C ARG B 396 -0.02 17.36 -11.83
N SER B 397 -0.75 17.97 -12.77
CA SER B 397 -0.89 19.44 -12.88
C SER B 397 -1.62 19.98 -11.65
N LEU B 398 -1.14 21.09 -11.09
CA LEU B 398 -1.78 21.84 -9.99
C LEU B 398 -3.01 22.60 -10.53
N GLN B 399 -3.07 22.83 -11.84
CA GLN B 399 -4.09 23.73 -12.45
C GLN B 399 -5.04 22.91 -13.33
N GLN B 400 -6.26 23.40 -13.49
CA GLN B 400 -7.35 22.76 -14.27
C GLN B 400 -7.42 23.41 -15.65
N LEU B 401 -8.19 22.82 -16.56
CA LEU B 401 -8.41 23.32 -17.95
C LEU B 401 -9.00 24.73 -17.86
N GLU B 402 -8.51 25.65 -18.71
CA GLU B 402 -8.95 27.07 -18.77
C GLU B 402 -9.29 27.42 -20.22
C1 EDO C . -18.00 -10.96 18.75
O1 EDO C . -19.01 -10.01 19.04
C2 EDO C . -17.95 -11.33 17.31
O2 EDO C . -17.20 -10.45 16.50
ZN ZN D . -13.87 -9.48 11.00
C1 9IC E . -4.39 -17.88 7.95
C2 9IC E . -3.57 -17.00 8.63
C3 9IC E . -4.10 -15.89 9.25
C4 9IC E . -5.47 -15.65 9.17
C5 9IC E . -6.31 -16.51 8.49
C6 9IC E . -5.75 -17.62 7.88
C7 9IC E . -7.77 -16.25 8.42
C8 9IC E . -8.50 -15.94 9.57
C9 9IC E . -9.88 -15.73 9.53
C10 9IC E . -10.53 -15.84 8.32
C11 9IC E . -9.83 -16.15 7.16
C12 9IC E . -8.46 -16.36 7.21
C13 9IC E . -10.65 -15.45 10.79
N14 9IC E . -11.58 -14.34 10.64
C15 9IC E . -11.24 -13.05 10.74
C16 9IC E . -12.35 -12.03 10.50
O17 9IC E . -10.10 -12.69 11.01
C18 9IC E . -12.15 -11.30 9.16
N19 9IC E . -12.43 -11.12 11.63
O20 9IC E . -13.02 -10.17 9.13
C21 9IC E . -12.42 -12.19 7.96
C22 9IC E . -11.39 -16.72 11.22
N23 9IC E . -12.11 -16.47 12.45
C24 9IC E . -11.66 -16.83 13.65
C25 9IC E . -12.62 -16.60 14.81
C26 9IC E . -12.11 -17.19 16.11
N27 9IC E . -10.95 -16.44 16.65
C28 9IC E . -9.71 -17.01 16.62
N29 9IC E . -8.62 -16.48 17.03
C30 9IC E . -8.73 -15.19 17.56
C31 9IC E . -9.94 -14.51 17.64
C32 9IC E . -11.17 -15.17 17.16
C33 9IC E . -7.56 -14.57 18.04
C34 9IC E . -7.63 -13.30 18.58
C35 9IC E . -8.85 -12.62 18.63
C36 9IC E . -10.00 -13.22 18.16
O37 9IC E . -12.28 -14.68 17.22
CL1 9IC E . -8.96 -11.00 19.25
BR1 9IC E . -6.05 -12.54 19.30
O40 9IC E . -10.54 -17.32 13.82
ZN ZN F . 16.65 6.68 9.73
C1 9IC G . 6.90 13.09 11.99
C2 9IC G . 6.31 14.33 11.82
C3 9IC G . 7.02 15.34 11.21
C4 9IC G . 8.31 15.12 10.76
C5 9IC G . 8.93 13.88 10.94
C6 9IC G . 8.19 12.87 11.55
C7 9IC G . 10.33 13.66 10.50
C8 9IC G . 11.25 13.03 11.35
C9 9IC G . 12.58 12.87 10.98
C10 9IC G . 12.99 13.32 9.73
C11 9IC G . 12.10 13.93 8.88
C12 9IC G . 10.77 14.10 9.26
C13 9IC G . 13.59 12.25 11.93
N14 9IC G . 14.44 11.27 11.28
C15 9IC G . 14.07 10.00 11.07
C16 9IC G . 15.09 9.11 10.35
O17 9IC G . 12.99 9.55 11.43
C18 9IC G . 14.62 8.82 8.92
N19 9IC G . 15.31 7.91 11.14
O20 9IC G . 15.48 7.84 8.34
C21 9IC G . 14.58 10.07 8.04
C22 9IC G . 14.44 13.35 12.58
N23 9IC G . 15.42 12.76 13.50
C24 9IC G . 15.35 12.90 14.82
C25 9IC G . 16.58 12.44 15.58
C26 9IC G . 16.41 12.55 17.09
N27 9IC G . 15.37 11.64 17.61
C28 9IC G . 14.19 12.18 18.09
N29 9IC G . 13.22 11.52 18.62
C30 9IC G . 13.38 10.13 18.69
C31 9IC G . 14.52 9.49 18.21
C32 9IC G . 15.61 10.28 17.63
C33 9IC G . 12.35 9.38 19.27
C34 9IC G . 12.49 8.01 19.38
C35 9IC G . 13.62 7.37 18.89
C36 9IC G . 14.64 8.10 18.31
O37 9IC G . 16.65 9.81 17.20
CL1 9IC G . 13.82 5.65 18.99
BR1 9IC G . 11.10 7.02 20.22
O40 9IC G . 14.38 13.38 15.40
#